data_5UJI
#
_entry.id   5UJI
#
_cell.length_a   84.888
_cell.length_b   139.057
_cell.length_c   146.724
_cell.angle_alpha   90.000
_cell.angle_beta   90.000
_cell.angle_gamma   90.000
#
_symmetry.space_group_name_H-M   'C 2 2 21'
#
_entity_poly.entity_id   1
_entity_poly.type   'polypeptide(L)'
_entity_poly.pdbx_seq_one_letter_code
;GIDYDKLIVRFGSSKIDKELINRIERATGQRPHRFLRRGIFFSHRDMNQVLDAYENKKPFYLYTGRGPSSEAMHVGHLIP
FIFTKWLQDVFNVPLVIQMTDDEKYLWKDLTLDQAYSYAVENAKDIIACGFDINKTFIFSDLDYMGMSSGFYKNVVKIQK
HVTFNQVKGIFGFTDSDCIGKISFPAIQAAPSFSNSFPQIFRDRTDIQCLIPCAIDQDPYFRMTRDVAPRIGYPKPALLH
STFFPALQGAQTKMSASDPNSSIFLTDTAKQIKTKVNKHAFSGGRDTIEEHRQFGGNCDVDVSFMYLTFFLEDDDKLEQI
RKDYTSGAMLTGELKKALIEVLQPLIAEHQARRKEVTDEIVKEFMTPRKLSFDFQKLAAALEHHHHHH
;
_entity_poly.pdbx_strand_id   A,B
#
# COMPACT_ATOMS: atom_id res chain seq x y z
N GLY A 1 -0.71 22.76 -39.88
CA GLY A 1 -1.84 23.69 -39.55
C GLY A 1 -3.16 22.98 -39.33
N ILE A 2 -3.92 23.47 -38.36
CA ILE A 2 -5.25 22.92 -38.01
C ILE A 2 -6.33 23.57 -38.89
N ASP A 3 -7.21 22.74 -39.45
CA ASP A 3 -8.28 23.21 -40.32
C ASP A 3 -9.61 23.21 -39.55
N TYR A 4 -9.96 24.35 -38.97
CA TYR A 4 -11.13 24.44 -38.09
C TYR A 4 -12.47 24.29 -38.81
N ASP A 5 -12.55 24.75 -40.06
CA ASP A 5 -13.76 24.60 -40.87
C ASP A 5 -14.04 23.13 -41.24
N LYS A 6 -12.99 22.36 -41.47
CA LYS A 6 -13.10 20.93 -41.73
C LYS A 6 -13.63 20.19 -40.49
N LEU A 7 -13.14 20.58 -39.31
CA LEU A 7 -13.56 19.96 -38.05
C LEU A 7 -15.03 20.25 -37.70
N ILE A 8 -15.49 21.46 -38.00
CA ILE A 8 -16.90 21.81 -37.82
C ILE A 8 -17.78 20.94 -38.73
N VAL A 9 -17.35 20.76 -39.97
CA VAL A 9 -18.04 19.89 -40.94
C VAL A 9 -18.06 18.42 -40.45
N ARG A 10 -16.95 17.95 -39.88
CA ARG A 10 -16.87 16.59 -39.32
C ARG A 10 -17.85 16.45 -38.16
N PHE A 11 -17.74 17.35 -37.20
CA PHE A 11 -18.64 17.40 -36.03
C PHE A 11 -20.10 17.42 -36.45
N GLY A 12 -20.44 18.39 -37.31
CA GLY A 12 -21.81 18.60 -37.79
C GLY A 12 -22.41 17.42 -38.55
N SER A 13 -21.59 16.73 -39.34
CA SER A 13 -22.03 15.56 -40.12
C SER A 13 -22.34 14.31 -39.27
N SER A 14 -22.07 14.36 -37.97
CA SER A 14 -22.60 13.38 -37.02
C SER A 14 -24.02 13.80 -36.63
N LYS A 15 -24.99 12.90 -36.83
CA LYS A 15 -26.41 13.20 -36.56
C LYS A 15 -26.77 13.00 -35.09
N ILE A 16 -27.87 13.66 -34.69
CA ILE A 16 -28.31 13.67 -33.30
C ILE A 16 -29.10 12.38 -33.01
N ASP A 17 -28.67 11.63 -31.99
CA ASP A 17 -29.20 10.29 -31.70
C ASP A 17 -30.49 10.35 -30.87
N LYS A 18 -31.64 10.29 -31.55
CA LYS A 18 -32.95 10.25 -30.89
C LYS A 18 -33.29 8.85 -30.36
N GLU A 19 -32.77 7.80 -31.01
CA GLU A 19 -32.90 6.44 -30.50
C GLU A 19 -32.41 6.34 -29.05
N LEU A 20 -31.32 7.06 -28.75
CA LEU A 20 -30.82 7.19 -27.37
C LEU A 20 -31.74 8.04 -26.50
N ILE A 21 -32.12 9.21 -27.02
CA ILE A 21 -32.92 10.16 -26.23
C ILE A 21 -34.26 9.52 -25.85
N ASN A 22 -34.88 8.81 -26.79
CA ASN A 22 -36.11 8.07 -26.51
C ASN A 22 -35.90 7.01 -25.43
N ARG A 23 -34.83 6.22 -25.59
CA ARG A 23 -34.51 5.14 -24.64
C ARG A 23 -34.19 5.62 -23.22
N ILE A 24 -33.56 6.79 -23.10
CA ILE A 24 -33.26 7.40 -21.80
C ILE A 24 -34.54 7.93 -21.14
N GLU A 25 -35.43 8.56 -21.91
CA GLU A 25 -36.74 8.99 -21.40
C GLU A 25 -37.53 7.82 -20.84
N ARG A 26 -37.50 6.68 -21.52
CA ARG A 26 -38.19 5.48 -21.06
C ARG A 26 -37.61 4.96 -19.75
N ALA A 27 -36.28 4.90 -19.67
CA ALA A 27 -35.59 4.36 -18.49
C ALA A 27 -35.58 5.29 -17.28
N THR A 28 -35.28 6.56 -17.51
CA THR A 28 -35.10 7.55 -16.43
C THR A 28 -36.36 8.37 -16.14
N GLY A 29 -37.07 8.77 -17.21
CA GLY A 29 -38.27 9.59 -17.10
C GLY A 29 -38.13 11.02 -17.62
N GLN A 30 -36.88 11.47 -17.80
CA GLN A 30 -36.62 12.81 -18.33
C GLN A 30 -35.73 12.72 -19.58
N ARG A 31 -35.85 13.74 -20.45
CA ARG A 31 -35.01 13.83 -21.66
C ARG A 31 -33.78 14.72 -21.41
N PRO A 32 -32.58 14.21 -21.73
CA PRO A 32 -31.38 15.04 -21.54
C PRO A 32 -31.20 16.02 -22.69
N HIS A 33 -30.73 17.23 -22.37
CA HIS A 33 -30.58 18.31 -23.37
C HIS A 33 -29.11 18.61 -23.72
N ARG A 34 -28.21 17.64 -23.54
CA ARG A 34 -26.78 17.86 -23.76
C ARG A 34 -26.04 16.54 -24.02
N PHE A 35 -24.93 16.64 -24.74
CA PHE A 35 -23.98 15.55 -24.99
C PHE A 35 -24.46 14.37 -25.85
N LEU A 36 -25.56 14.52 -26.58
CA LEU A 36 -26.12 13.38 -27.34
C LEU A 36 -25.90 13.44 -28.86
N ARG A 37 -24.91 14.22 -29.30
CA ARG A 37 -24.50 14.22 -30.70
C ARG A 37 -23.66 12.95 -30.93
N ARG A 38 -24.21 12.01 -31.68
CA ARG A 38 -23.73 10.62 -31.77
C ARG A 38 -22.22 10.47 -32.04
N GLY A 39 -21.53 9.78 -31.15
CA GLY A 39 -20.11 9.48 -31.30
C GLY A 39 -19.15 10.51 -30.73
N ILE A 40 -19.59 11.76 -30.53
CA ILE A 40 -18.68 12.85 -30.14
C ILE A 40 -18.31 12.75 -28.66
N PHE A 41 -19.31 12.89 -27.80
CA PHE A 41 -19.09 13.10 -26.37
C PHE A 41 -18.88 11.82 -25.59
N PHE A 42 -19.43 10.71 -26.08
CA PHE A 42 -19.16 9.37 -25.54
C PHE A 42 -19.30 8.32 -26.65
N SER A 43 -19.00 7.07 -26.32
CA SER A 43 -19.26 5.94 -27.21
C SER A 43 -20.73 5.56 -27.09
N HIS A 44 -21.47 5.70 -28.19
CA HIS A 44 -22.86 5.21 -28.28
C HIS A 44 -22.95 3.73 -27.91
N ARG A 45 -21.99 2.94 -28.40
CA ARG A 45 -21.93 1.51 -28.12
C ARG A 45 -21.87 1.22 -26.63
N ASP A 46 -20.95 1.89 -25.93
CA ASP A 46 -20.79 1.76 -24.48
C ASP A 46 -22.00 2.24 -23.72
N MET A 47 -22.60 3.33 -24.18
CA MET A 47 -23.76 3.91 -23.50
C MET A 47 -24.98 2.99 -23.54
N ASN A 48 -25.07 2.14 -24.57
CA ASN A 48 -26.14 1.15 -24.67
C ASN A 48 -26.02 0.06 -23.62
N GLN A 49 -24.81 -0.49 -23.45
CA GLN A 49 -24.53 -1.45 -22.36
C GLN A 49 -24.86 -0.86 -20.99
N VAL A 50 -24.53 0.42 -20.80
CA VAL A 50 -24.91 1.15 -19.60
C VAL A 50 -26.44 1.18 -19.45
N LEU A 51 -27.14 1.46 -20.55
CA LEU A 51 -28.61 1.46 -20.54
C LEU A 51 -29.20 0.07 -20.29
N ASP A 52 -28.60 -0.96 -20.90
CA ASP A 52 -29.00 -2.36 -20.65
C ASP A 52 -28.97 -2.66 -19.15
N ALA A 53 -27.86 -2.29 -18.51
CA ALA A 53 -27.65 -2.52 -17.09
C ALA A 53 -28.67 -1.77 -16.23
N TYR A 54 -28.90 -0.49 -16.56
CA TYR A 54 -29.85 0.35 -15.82
C TYR A 54 -31.29 -0.13 -16.02
N GLU A 55 -31.61 -0.55 -17.24
CA GLU A 55 -32.92 -1.14 -17.57
C GLU A 55 -33.14 -2.50 -16.89
N ASN A 56 -32.10 -3.34 -16.85
CA ASN A 56 -32.15 -4.60 -16.09
C ASN A 56 -31.95 -4.42 -14.57
N LYS A 57 -31.73 -3.17 -14.13
CA LYS A 57 -31.65 -2.79 -12.72
C LYS A 57 -30.44 -3.39 -11.99
N LYS A 58 -29.36 -3.59 -12.75
CA LYS A 58 -28.06 -3.97 -12.19
C LYS A 58 -27.50 -2.73 -11.49
N PRO A 59 -27.20 -2.84 -10.19
CA PRO A 59 -26.56 -1.70 -9.54
C PRO A 59 -25.14 -1.48 -10.07
N PHE A 60 -24.86 -0.24 -10.50
CA PHE A 60 -23.52 0.21 -10.84
C PHE A 60 -23.23 1.59 -10.23
N TYR A 61 -21.96 1.83 -9.89
CA TYR A 61 -21.49 3.13 -9.40
C TYR A 61 -20.44 3.72 -10.33
N LEU A 62 -20.32 5.05 -10.29
CA LEU A 62 -19.34 5.75 -11.11
C LEU A 62 -18.03 5.92 -10.34
N TYR A 63 -16.92 5.82 -11.05
CA TYR A 63 -15.58 6.11 -10.51
C TYR A 63 -14.81 7.03 -11.44
N THR A 64 -14.40 8.18 -10.93
CA THR A 64 -13.39 9.03 -11.57
C THR A 64 -12.31 9.44 -10.58
N GLY A 65 -11.17 9.90 -11.10
CA GLY A 65 -9.97 10.18 -10.30
C GLY A 65 -9.46 11.59 -10.49
N ARG A 66 -8.36 11.90 -9.81
CA ARG A 66 -7.72 13.21 -9.90
C ARG A 66 -6.42 13.26 -9.07
N GLY A 67 -5.38 13.83 -9.67
CA GLY A 67 -4.20 14.29 -8.94
C GLY A 67 -4.42 15.74 -8.56
N PRO A 68 -4.58 16.05 -7.25
CA PRO A 68 -4.85 17.45 -6.88
C PRO A 68 -3.65 18.38 -7.13
N SER A 69 -3.77 19.26 -8.12
CA SER A 69 -2.67 20.14 -8.52
C SER A 69 -2.42 21.22 -7.48
N SER A 70 -1.15 21.36 -7.10
CA SER A 70 -0.71 22.38 -6.13
C SER A 70 -0.97 23.81 -6.65
N GLU A 71 -0.78 23.99 -7.95
CA GLU A 71 -1.20 25.21 -8.65
C GLU A 71 -2.70 25.08 -8.96
N ALA A 72 -3.37 26.23 -9.07
CA ALA A 72 -4.82 26.30 -9.29
C ALA A 72 -5.31 25.51 -10.52
N MET A 73 -6.59 25.14 -10.49
CA MET A 73 -7.19 24.29 -11.52
C MET A 73 -7.37 25.02 -12.84
N HIS A 74 -7.08 24.31 -13.91
CA HIS A 74 -7.27 24.78 -15.26
C HIS A 74 -8.70 24.40 -15.65
N VAL A 75 -9.37 25.24 -16.44
CA VAL A 75 -10.77 24.97 -16.87
C VAL A 75 -10.98 23.55 -17.40
N GLY A 76 -10.00 23.06 -18.14
CA GLY A 76 -10.06 21.72 -18.71
C GLY A 76 -10.07 20.57 -17.72
N HIS A 77 -9.68 20.84 -16.47
CA HIS A 77 -9.77 19.83 -15.40
C HIS A 77 -11.22 19.60 -14.93
N LEU A 78 -12.10 20.58 -15.15
CA LEU A 78 -13.53 20.40 -14.88
C LEU A 78 -14.24 19.49 -15.88
N ILE A 79 -13.71 19.41 -17.10
CA ILE A 79 -14.37 18.70 -18.19
C ILE A 79 -14.80 17.27 -17.82
N PRO A 80 -13.89 16.43 -17.26
CA PRO A 80 -14.31 15.11 -16.78
C PRO A 80 -15.42 15.16 -15.73
N PHE A 81 -15.36 16.13 -14.82
CA PHE A 81 -16.32 16.24 -13.72
C PHE A 81 -17.69 16.69 -14.19
N ILE A 82 -17.73 17.67 -15.09
CA ILE A 82 -18.98 18.19 -15.66
C ILE A 82 -19.74 17.06 -16.36
N PHE A 83 -19.02 16.24 -17.11
CA PHE A 83 -19.62 15.07 -17.75
C PHE A 83 -19.99 13.99 -16.73
N THR A 84 -19.14 13.78 -15.73
CA THR A 84 -19.43 12.82 -14.66
C THR A 84 -20.67 13.23 -13.86
N LYS A 85 -20.81 14.54 -13.63
CA LYS A 85 -21.98 15.08 -12.93
C LYS A 85 -23.25 14.88 -13.76
N TRP A 86 -23.12 15.08 -15.07
CA TRP A 86 -24.22 14.86 -16.00
C TRP A 86 -24.68 13.42 -15.96
N LEU A 87 -23.74 12.48 -15.89
CA LEU A 87 -24.07 11.06 -15.74
C LEU A 87 -24.85 10.82 -14.45
N GLN A 88 -24.35 11.36 -13.35
CA GLN A 88 -25.03 11.21 -12.06
C GLN A 88 -26.46 11.74 -12.11
N ASP A 89 -26.68 12.84 -12.83
CA ASP A 89 -28.01 13.44 -12.93
C ASP A 89 -29.02 12.56 -13.66
N VAL A 90 -28.63 12.01 -14.82
CA VAL A 90 -29.58 11.22 -15.61
C VAL A 90 -29.90 9.86 -14.95
N PHE A 91 -28.87 9.18 -14.47
CA PHE A 91 -29.03 7.83 -13.88
C PHE A 91 -29.24 7.81 -12.38
N ASN A 92 -28.91 8.91 -11.69
CA ASN A 92 -29.09 9.00 -10.23
C ASN A 92 -28.32 7.91 -9.49
N VAL A 93 -27.02 7.80 -9.78
CA VAL A 93 -26.18 6.70 -9.27
C VAL A 93 -25.08 7.17 -8.31
N PRO A 94 -24.62 6.26 -7.41
CA PRO A 94 -23.49 6.60 -6.55
C PRO A 94 -22.22 6.87 -7.35
N LEU A 95 -21.46 7.87 -6.92
CA LEU A 95 -20.21 8.25 -7.54
C LEU A 95 -19.13 8.24 -6.49
N VAL A 96 -17.95 7.78 -6.88
CA VAL A 96 -16.76 7.79 -6.04
C VAL A 96 -15.69 8.60 -6.75
N ILE A 97 -15.17 9.61 -6.08
CA ILE A 97 -14.11 10.46 -6.65
C ILE A 97 -12.85 10.29 -5.80
N GLN A 98 -11.74 9.98 -6.46
CA GLN A 98 -10.49 9.66 -5.80
C GLN A 98 -9.54 10.84 -5.91
N MET A 99 -9.16 11.40 -4.77
CA MET A 99 -8.07 12.37 -4.72
C MET A 99 -6.82 11.55 -4.58
N THR A 100 -5.92 11.62 -5.56
CA THR A 100 -4.65 10.91 -5.50
C THR A 100 -3.55 11.85 -5.02
N ASP A 101 -3.70 12.28 -3.78
CA ASP A 101 -2.69 13.12 -3.11
C ASP A 101 -1.39 12.37 -2.90
N ASP A 102 -1.47 11.05 -2.68
CA ASP A 102 -0.27 10.21 -2.65
C ASP A 102 0.48 10.21 -3.99
N GLU A 103 -0.24 10.18 -5.10
CA GLU A 103 0.37 10.30 -6.43
C GLU A 103 1.12 11.61 -6.56
N LYS A 104 0.46 12.72 -6.24
CA LYS A 104 1.09 14.05 -6.32
C LYS A 104 2.31 14.16 -5.40
N TYR A 105 2.24 13.57 -4.20
CA TYR A 105 3.37 13.56 -3.28
C TYR A 105 4.58 12.86 -3.90
N LEU A 106 4.35 11.66 -4.39
CA LEU A 106 5.39 10.88 -5.06
C LEU A 106 5.99 11.60 -6.28
N TRP A 107 5.14 12.25 -7.07
CA TRP A 107 5.58 12.92 -8.30
C TRP A 107 6.17 14.33 -8.07
N LYS A 108 5.65 15.09 -7.09
CA LYS A 108 6.03 16.51 -6.90
C LYS A 108 6.88 16.76 -5.64
N ASP A 109 7.36 18.00 -5.53
CA ASP A 109 8.13 18.47 -4.37
C ASP A 109 7.15 19.00 -3.33
N LEU A 110 6.59 18.07 -2.55
CA LEU A 110 5.52 18.38 -1.59
C LEU A 110 5.73 17.64 -0.28
N THR A 111 5.13 18.19 0.78
CA THR A 111 4.98 17.48 2.05
C THR A 111 3.68 16.67 1.95
N LEU A 112 3.50 15.70 2.84
CA LEU A 112 2.24 14.98 2.95
C LEU A 112 1.11 15.91 3.38
N ASP A 113 1.41 16.82 4.31
CA ASP A 113 0.42 17.79 4.78
C ASP A 113 -0.04 18.71 3.65
N GLN A 114 0.89 19.06 2.77
CA GLN A 114 0.60 19.96 1.65
C GLN A 114 -0.25 19.29 0.58
N ALA A 115 0.16 18.10 0.16
CA ALA A 115 -0.57 17.29 -0.82
C ALA A 115 -2.01 17.03 -0.40
N TYR A 116 -2.20 16.72 0.88
CA TYR A 116 -3.52 16.52 1.46
C TYR A 116 -4.34 17.81 1.45
N SER A 117 -3.73 18.93 1.86
CA SER A 117 -4.38 20.24 1.82
C SER A 117 -4.89 20.60 0.43
N TYR A 118 -4.09 20.31 -0.59
CA TYR A 118 -4.53 20.49 -1.98
C TYR A 118 -5.70 19.58 -2.33
N ALA A 119 -5.65 18.33 -1.87
CA ALA A 119 -6.76 17.39 -2.05
C ALA A 119 -8.07 17.96 -1.49
N VAL A 120 -8.00 18.45 -0.27
CA VAL A 120 -9.14 19.06 0.41
C VAL A 120 -9.58 20.34 -0.34
N GLU A 121 -8.64 21.19 -0.70
CA GLU A 121 -8.97 22.41 -1.46
C GLU A 121 -9.59 22.09 -2.82
N ASN A 122 -9.05 21.09 -3.51
CA ASN A 122 -9.57 20.68 -4.81
C ASN A 122 -10.97 20.06 -4.72
N ALA A 123 -11.29 19.45 -3.57
CA ALA A 123 -12.63 18.91 -3.30
C ALA A 123 -13.72 19.98 -3.34
N LYS A 124 -13.37 21.21 -2.95
CA LYS A 124 -14.29 22.34 -3.03
C LYS A 124 -14.64 22.64 -4.48
N ASP A 125 -13.62 22.73 -5.33
CA ASP A 125 -13.80 22.94 -6.77
C ASP A 125 -14.66 21.83 -7.38
N ILE A 126 -14.38 20.59 -6.96
CA ILE A 126 -15.13 19.41 -7.37
C ILE A 126 -16.60 19.52 -6.93
N ILE A 127 -16.80 19.70 -5.63
CA ILE A 127 -18.14 19.87 -5.06
C ILE A 127 -18.92 21.00 -5.75
N ALA A 128 -18.22 22.09 -6.08
CA ALA A 128 -18.83 23.23 -6.79
C ALA A 128 -19.37 22.90 -8.18
N CYS A 129 -19.05 21.72 -8.72
CA CYS A 129 -19.70 21.24 -9.94
C CYS A 129 -21.17 20.90 -9.74
N GLY A 130 -21.57 20.62 -8.50
CA GLY A 130 -22.98 20.34 -8.16
C GLY A 130 -23.32 18.88 -8.01
N PHE A 131 -22.36 18.05 -7.65
CA PHE A 131 -22.62 16.63 -7.37
C PHE A 131 -23.58 16.49 -6.17
N ASP A 132 -24.38 15.45 -6.20
CA ASP A 132 -25.33 15.15 -5.13
C ASP A 132 -24.55 14.68 -3.89
N ILE A 133 -24.67 15.41 -2.79
CA ILE A 133 -24.05 15.02 -1.52
C ILE A 133 -24.53 13.68 -0.98
N ASN A 134 -25.75 13.28 -1.35
CA ASN A 134 -26.30 11.98 -0.96
C ASN A 134 -25.77 10.79 -1.78
N LYS A 135 -25.14 11.06 -2.93
CA LYS A 135 -24.69 10.02 -3.86
C LYS A 135 -23.20 10.11 -4.20
N THR A 136 -22.41 10.87 -3.46
CA THR A 136 -21.03 11.18 -3.88
C THR A 136 -20.01 11.10 -2.73
N PHE A 137 -19.10 10.14 -2.84
CA PHE A 137 -18.02 9.95 -1.89
C PHE A 137 -16.69 10.44 -2.50
N ILE A 138 -16.20 11.57 -2.02
CA ILE A 138 -14.87 12.06 -2.36
C ILE A 138 -13.92 11.53 -1.29
N PHE A 139 -12.69 11.16 -1.65
CA PHE A 139 -11.73 10.64 -0.68
C PHE A 139 -10.26 10.87 -1.02
N SER A 140 -9.48 11.14 0.02
CA SER A 140 -8.03 11.26 -0.09
C SER A 140 -7.44 9.86 0.03
N ASP A 141 -6.49 9.53 -0.85
CA ASP A 141 -5.78 8.26 -0.75
C ASP A 141 -5.00 8.16 0.55
N LEU A 142 -4.26 9.20 0.87
CA LEU A 142 -3.45 9.23 2.08
C LEU A 142 -4.30 9.02 3.32
N ASP A 143 -5.48 9.63 3.32
CA ASP A 143 -6.38 9.62 4.47
C ASP A 143 -7.25 8.36 4.51
N TYR A 144 -7.85 7.99 3.37
CA TYR A 144 -8.77 6.85 3.31
C TYR A 144 -8.07 5.50 3.44
N MET A 145 -6.82 5.42 2.98
CA MET A 145 -6.07 4.18 3.06
C MET A 145 -5.99 3.64 4.49
N GLY A 146 -5.96 4.53 5.48
CA GLY A 146 -5.92 4.15 6.90
C GLY A 146 -7.25 3.98 7.62
N MET A 147 -8.36 4.15 6.90
CA MET A 147 -9.71 4.07 7.48
C MET A 147 -10.62 3.02 6.82
N SER A 148 -10.07 2.19 5.94
CA SER A 148 -10.89 1.24 5.17
C SER A 148 -10.41 -0.17 5.43
N SER A 149 -11.34 -1.08 5.73
CA SER A 149 -11.02 -2.49 5.89
C SER A 149 -10.85 -3.20 4.55
N GLY A 150 -11.39 -2.62 3.48
CA GLY A 150 -11.35 -3.23 2.14
C GLY A 150 -10.37 -2.65 1.13
N PHE A 151 -10.03 -1.36 1.23
CA PHE A 151 -9.27 -0.66 0.17
C PHE A 151 -7.87 -1.23 -0.03
N TYR A 152 -7.07 -1.29 1.03
CA TYR A 152 -5.68 -1.80 0.92
C TYR A 152 -5.59 -3.28 0.53
N LYS A 153 -6.51 -4.10 1.04
CA LYS A 153 -6.59 -5.49 0.61
C LYS A 153 -6.71 -5.61 -0.90
N ASN A 154 -7.51 -4.74 -1.52
CA ASN A 154 -7.67 -4.75 -2.98
C ASN A 154 -6.42 -4.26 -3.69
N VAL A 155 -5.77 -3.25 -3.13
CA VAL A 155 -4.47 -2.79 -3.65
C VAL A 155 -3.49 -3.96 -3.74
N VAL A 156 -3.39 -4.74 -2.66
CA VAL A 156 -2.48 -5.88 -2.62
C VAL A 156 -2.84 -6.96 -3.66
N LYS A 157 -4.13 -7.27 -3.80
CA LYS A 157 -4.57 -8.24 -4.81
C LYS A 157 -4.19 -7.81 -6.24
N ILE A 158 -4.47 -6.56 -6.56
CA ILE A 158 -4.08 -5.97 -7.83
C ILE A 158 -2.55 -5.92 -8.01
N GLN A 159 -1.82 -5.61 -6.93
CA GLN A 159 -0.35 -5.56 -6.97
C GLN A 159 0.29 -6.87 -7.43
N LYS A 160 -0.27 -8.00 -7.00
CA LYS A 160 0.27 -9.32 -7.32
C LYS A 160 0.20 -9.66 -8.80
N HIS A 161 -0.84 -9.17 -9.48
CA HIS A 161 -1.15 -9.50 -10.86
C HIS A 161 -0.78 -8.41 -11.89
N VAL A 162 0.04 -7.44 -11.49
CA VAL A 162 0.58 -6.43 -12.41
C VAL A 162 2.10 -6.31 -12.18
N THR A 163 2.87 -6.32 -13.26
CA THR A 163 4.34 -6.34 -13.22
C THR A 163 4.94 -5.01 -13.61
N PHE A 164 6.24 -4.86 -13.36
CA PHE A 164 6.98 -3.67 -13.74
C PHE A 164 6.96 -3.55 -15.25
N ASN A 165 7.28 -4.65 -15.95
CA ASN A 165 7.23 -4.71 -17.41
C ASN A 165 5.94 -4.15 -17.98
N GLN A 166 4.81 -4.55 -17.40
CA GLN A 166 3.51 -4.07 -17.84
C GLN A 166 3.36 -2.55 -17.66
N VAL A 167 3.60 -2.05 -16.46
CA VAL A 167 3.43 -0.61 -16.17
C VAL A 167 4.52 0.24 -16.81
N LYS A 168 5.71 -0.35 -17.00
CA LYS A 168 6.78 0.27 -17.79
C LYS A 168 6.25 0.68 -19.17
N GLY A 169 5.63 -0.28 -19.87
CA GLY A 169 5.06 -0.06 -21.19
C GLY A 169 4.04 1.07 -21.23
N ILE A 170 3.04 0.96 -20.37
CA ILE A 170 1.96 1.94 -20.31
C ILE A 170 2.49 3.31 -19.85
N PHE A 171 2.93 3.39 -18.61
CA PHE A 171 3.26 4.67 -17.96
C PHE A 171 4.67 5.18 -18.24
N GLY A 172 5.53 4.36 -18.84
CA GLY A 172 6.87 4.79 -19.21
C GLY A 172 7.83 4.98 -18.06
N PHE A 173 7.69 4.17 -17.01
CA PHE A 173 8.59 4.25 -15.86
C PHE A 173 9.96 3.69 -16.25
N THR A 174 10.97 4.11 -15.49
CA THR A 174 12.34 3.62 -15.61
C THR A 174 12.85 3.20 -14.23
N ASP A 175 14.07 2.66 -14.18
CA ASP A 175 14.67 2.20 -12.92
C ASP A 175 15.07 3.36 -11.99
N SER A 176 15.27 4.56 -12.55
CA SER A 176 15.50 5.78 -11.76
C SER A 176 14.31 6.18 -10.88
N ASP A 177 13.10 5.77 -11.27
CA ASP A 177 11.86 6.15 -10.56
C ASP A 177 11.74 5.47 -9.20
N CYS A 178 11.10 6.18 -8.27
CA CYS A 178 10.85 5.67 -6.93
C CYS A 178 9.79 4.57 -6.96
N ILE A 179 9.94 3.60 -6.06
CA ILE A 179 9.08 2.40 -6.03
C ILE A 179 7.57 2.68 -5.85
N GLY A 180 7.23 3.78 -5.19
CA GLY A 180 5.83 4.23 -5.06
C GLY A 180 5.11 4.42 -6.38
N LYS A 181 5.79 5.05 -7.35
CA LYS A 181 5.28 5.23 -8.71
C LYS A 181 5.03 3.90 -9.40
N ILE A 182 6.01 3.00 -9.32
CA ILE A 182 5.91 1.68 -9.96
C ILE A 182 4.68 0.92 -9.48
N SER A 183 4.43 0.97 -8.17
CA SER A 183 3.28 0.28 -7.58
C SER A 183 1.99 1.11 -7.51
N PHE A 184 2.01 2.36 -7.98
CA PHE A 184 0.84 3.23 -7.84
C PHE A 184 -0.39 2.79 -8.65
N PRO A 185 -0.22 2.27 -9.87
CA PRO A 185 -1.36 1.74 -10.63
C PRO A 185 -2.28 0.77 -9.88
N ALA A 186 -1.79 0.06 -8.87
CA ALA A 186 -2.69 -0.74 -8.03
C ALA A 186 -3.68 0.14 -7.28
N ILE A 187 -3.19 1.27 -6.76
CA ILE A 187 -4.00 2.24 -6.00
C ILE A 187 -5.09 2.84 -6.91
N GLN A 188 -4.76 3.02 -8.18
CA GLN A 188 -5.66 3.61 -9.18
C GLN A 188 -6.75 2.61 -9.60
N ALA A 189 -6.36 1.34 -9.73
CA ALA A 189 -7.28 0.24 -10.05
C ALA A 189 -8.19 -0.14 -8.88
N ALA A 190 -7.70 -0.02 -7.64
CA ALA A 190 -8.45 -0.46 -6.44
C ALA A 190 -9.91 0.05 -6.29
N PRO A 191 -10.17 1.34 -6.57
CA PRO A 191 -11.57 1.79 -6.55
C PRO A 191 -12.52 1.18 -7.58
N SER A 192 -12.01 0.39 -8.53
CA SER A 192 -12.84 -0.28 -9.52
C SER A 192 -13.70 -1.41 -8.97
N PHE A 193 -13.49 -1.78 -7.70
CA PHE A 193 -14.24 -2.84 -7.06
C PHE A 193 -14.91 -2.32 -5.80
N SER A 194 -16.23 -2.47 -5.73
CA SER A 194 -17.07 -1.95 -4.64
C SER A 194 -16.53 -2.26 -3.24
N ASN A 195 -16.06 -3.49 -3.04
CA ASN A 195 -15.60 -3.93 -1.72
C ASN A 195 -14.28 -3.32 -1.24
N SER A 196 -13.67 -2.46 -2.05
CA SER A 196 -12.70 -1.47 -1.55
C SER A 196 -13.33 -0.47 -0.56
N PHE A 197 -14.65 -0.27 -0.69
CA PHE A 197 -15.38 0.66 0.14
C PHE A 197 -16.43 -0.10 0.97
N PRO A 198 -16.03 -0.58 2.15
CA PRO A 198 -16.99 -1.34 2.98
C PRO A 198 -18.16 -0.49 3.51
N GLN A 199 -17.88 0.73 3.96
CA GLN A 199 -18.92 1.58 4.56
C GLN A 199 -19.85 2.20 3.50
N ILE A 200 -19.40 2.24 2.24
CA ILE A 200 -20.17 2.83 1.15
C ILE A 200 -21.10 1.80 0.53
N PHE A 201 -20.58 0.60 0.25
CA PHE A 201 -21.33 -0.46 -0.43
C PHE A 201 -21.60 -1.71 0.41
N ARG A 202 -21.23 -1.70 1.68
CA ARG A 202 -21.65 -2.73 2.66
C ARG A 202 -21.32 -4.18 2.26
N ASP A 203 -20.21 -4.35 1.56
CA ASP A 203 -19.72 -5.66 1.08
C ASP A 203 -20.73 -6.46 0.23
N ARG A 204 -21.62 -5.77 -0.49
CA ARG A 204 -22.56 -6.46 -1.38
C ARG A 204 -21.79 -6.97 -2.59
N THR A 205 -22.11 -8.19 -3.04
CA THR A 205 -21.48 -8.79 -4.21
C THR A 205 -22.13 -8.37 -5.54
N ASP A 206 -23.33 -7.81 -5.49
CA ASP A 206 -24.13 -7.51 -6.70
C ASP A 206 -23.73 -6.25 -7.48
N ILE A 207 -22.85 -5.41 -6.92
CA ILE A 207 -22.52 -4.11 -7.52
C ILE A 207 -21.34 -4.23 -8.50
N GLN A 208 -21.38 -3.38 -9.54
CA GLN A 208 -20.29 -3.26 -10.50
C GLN A 208 -19.91 -1.78 -10.67
N CYS A 209 -18.81 -1.52 -11.38
CA CYS A 209 -18.25 -0.19 -11.55
C CYS A 209 -18.36 0.29 -12.99
N LEU A 210 -18.62 1.58 -13.15
CA LEU A 210 -18.59 2.23 -14.45
C LEU A 210 -17.53 3.31 -14.41
N ILE A 211 -16.64 3.29 -15.39
CA ILE A 211 -15.47 4.15 -15.42
C ILE A 211 -15.49 4.88 -16.75
N PRO A 212 -15.84 6.19 -16.74
CA PRO A 212 -15.64 6.93 -17.98
C PRO A 212 -14.15 7.18 -18.14
N CYS A 213 -13.70 7.14 -19.39
CA CYS A 213 -12.28 7.13 -19.73
C CYS A 213 -12.06 7.54 -21.18
N ALA A 214 -10.81 7.85 -21.53
CA ALA A 214 -10.46 8.32 -22.87
C ALA A 214 -10.47 7.17 -23.86
N ILE A 215 -10.82 7.48 -25.12
CA ILE A 215 -10.75 6.49 -26.21
C ILE A 215 -9.29 6.36 -26.61
N ASP A 216 -8.90 5.17 -27.04
CA ASP A 216 -7.53 4.86 -27.49
C ASP A 216 -6.56 4.70 -26.30
N GLN A 217 -6.36 5.75 -25.51
CA GLN A 217 -5.55 5.64 -24.28
C GLN A 217 -6.34 4.97 -23.14
N ASP A 218 -6.63 3.69 -23.31
CA ASP A 218 -7.23 2.89 -22.28
C ASP A 218 -6.49 1.58 -21.99
N PRO A 219 -5.22 1.45 -22.32
CA PRO A 219 -4.57 0.13 -22.18
C PRO A 219 -4.40 -0.31 -20.72
N TYR A 220 -4.40 0.66 -19.80
CA TYR A 220 -4.39 0.40 -18.38
C TYR A 220 -5.71 -0.20 -17.91
N PHE A 221 -6.81 0.45 -18.27
CA PHE A 221 -8.16 -0.04 -17.91
C PHE A 221 -8.45 -1.43 -18.47
N ARG A 222 -7.93 -1.72 -19.67
CA ARG A 222 -7.99 -3.08 -20.23
C ARG A 222 -7.28 -4.09 -19.32
N MET A 223 -6.09 -3.74 -18.85
CA MET A 223 -5.31 -4.55 -17.90
C MET A 223 -6.06 -4.74 -16.58
N THR A 224 -6.72 -3.69 -16.10
CA THR A 224 -7.56 -3.78 -14.91
C THR A 224 -8.77 -4.71 -15.12
N ARG A 225 -9.33 -4.70 -16.32
CA ARG A 225 -10.40 -5.65 -16.66
C ARG A 225 -9.88 -7.10 -16.76
N ASP A 226 -8.64 -7.27 -17.23
CA ASP A 226 -7.99 -8.58 -17.27
C ASP A 226 -7.72 -9.18 -15.87
N VAL A 227 -7.32 -8.35 -14.90
CA VAL A 227 -7.00 -8.89 -13.57
C VAL A 227 -8.23 -9.24 -12.74
N ALA A 228 -9.40 -8.69 -13.08
CA ALA A 228 -10.59 -8.82 -12.23
C ALA A 228 -10.98 -10.27 -11.94
N PRO A 229 -11.13 -11.10 -12.99
CA PRO A 229 -11.50 -12.49 -12.72
C PRO A 229 -10.37 -13.33 -12.09
N ARG A 230 -9.12 -12.91 -12.26
CA ARG A 230 -7.98 -13.57 -11.60
C ARG A 230 -8.03 -13.44 -10.08
N ILE A 231 -8.71 -12.39 -9.59
CA ILE A 231 -8.91 -12.18 -8.16
C ILE A 231 -10.41 -12.26 -7.76
N GLY A 232 -11.20 -12.96 -8.56
CA GLY A 232 -12.59 -13.25 -8.24
C GLY A 232 -13.61 -12.15 -8.38
N TYR A 233 -13.21 -10.99 -8.91
CA TYR A 233 -14.10 -9.84 -9.00
C TYR A 233 -14.68 -9.64 -10.40
N PRO A 234 -15.83 -8.95 -10.50
CA PRO A 234 -16.36 -8.59 -11.80
C PRO A 234 -15.50 -7.52 -12.48
N LYS A 235 -15.49 -7.54 -13.81
CA LYS A 235 -14.77 -6.53 -14.58
C LYS A 235 -15.50 -5.20 -14.46
N PRO A 236 -14.73 -4.09 -14.40
CA PRO A 236 -15.35 -2.76 -14.51
C PRO A 236 -15.84 -2.49 -15.92
N ALA A 237 -17.06 -1.93 -16.04
CA ALA A 237 -17.53 -1.41 -17.32
C ALA A 237 -16.83 -0.08 -17.62
N LEU A 238 -16.68 0.21 -18.90
CA LEU A 238 -16.02 1.42 -19.38
C LEU A 238 -16.98 2.24 -20.23
N LEU A 239 -16.77 3.55 -20.25
CA LEU A 239 -17.59 4.47 -21.04
C LEU A 239 -16.69 5.46 -21.78
N HIS A 240 -16.26 5.05 -22.97
CA HIS A 240 -15.21 5.74 -23.69
C HIS A 240 -15.67 7.12 -24.15
N SER A 241 -14.76 8.10 -24.13
CA SER A 241 -15.07 9.48 -24.50
C SER A 241 -13.81 10.31 -24.71
N THR A 242 -13.64 10.87 -25.90
CA THR A 242 -12.50 11.74 -26.22
C THR A 242 -12.19 12.77 -25.12
N PHE A 243 -13.24 13.31 -24.52
CA PHE A 243 -13.12 14.40 -23.54
C PHE A 243 -12.62 13.98 -22.15
N PHE A 244 -12.18 12.73 -22.00
CA PHE A 244 -11.41 12.32 -20.83
C PHE A 244 -9.93 12.28 -21.20
N PRO A 245 -9.03 12.58 -20.22
CA PRO A 245 -7.60 12.53 -20.50
C PRO A 245 -7.04 11.12 -20.35
N ALA A 246 -5.77 10.95 -20.74
CA ALA A 246 -5.06 9.68 -20.65
C ALA A 246 -4.42 9.53 -19.26
N LEU A 247 -3.57 8.50 -19.11
CA LEU A 247 -2.72 8.32 -17.93
C LEU A 247 -1.27 8.12 -18.35
N ASN A 260 -0.40 32.45 -16.15
CA ASN A 260 0.58 31.65 -16.87
C ASN A 260 -0.06 30.81 -17.97
N SER A 261 -0.25 31.42 -19.15
CA SER A 261 -0.67 30.72 -20.38
C SER A 261 -2.12 30.17 -20.37
N SER A 262 -2.40 29.26 -19.44
CA SER A 262 -3.70 28.57 -19.35
C SER A 262 -4.76 29.39 -18.64
N ILE A 263 -6.02 28.95 -18.78
CA ILE A 263 -7.16 29.59 -18.15
C ILE A 263 -7.39 28.89 -16.81
N PHE A 264 -7.33 29.66 -15.71
CA PHE A 264 -7.59 29.15 -14.37
C PHE A 264 -9.02 29.44 -13.94
N LEU A 265 -9.48 28.70 -12.94
CA LEU A 265 -10.83 28.90 -12.37
C LEU A 265 -10.89 30.13 -11.47
N THR A 266 -9.74 30.70 -11.11
CA THR A 266 -9.65 31.96 -10.37
C THR A 266 -9.54 33.22 -11.26
N ASP A 267 -9.46 33.04 -12.58
CA ASP A 267 -9.24 34.18 -13.48
C ASP A 267 -10.46 35.09 -13.64
N THR A 268 -10.18 36.38 -13.81
CA THR A 268 -11.20 37.41 -14.05
C THR A 268 -11.75 37.28 -15.47
N ALA A 269 -12.96 37.79 -15.68
CA ALA A 269 -13.60 37.79 -17.00
C ALA A 269 -12.71 38.33 -18.11
N LYS A 270 -11.93 39.37 -17.84
CA LYS A 270 -11.03 39.94 -18.84
C LYS A 270 -9.78 39.08 -19.04
N GLN A 271 -9.28 38.47 -17.96
CA GLN A 271 -8.15 37.53 -18.05
C GLN A 271 -8.50 36.36 -18.97
N ILE A 272 -9.75 35.91 -18.90
CA ILE A 272 -10.28 34.91 -19.82
C ILE A 272 -10.25 35.45 -21.25
N LYS A 273 -10.75 36.67 -21.45
CA LYS A 273 -10.75 37.31 -22.78
C LYS A 273 -9.35 37.48 -23.36
N THR A 274 -8.40 37.92 -22.54
CA THR A 274 -7.03 38.12 -22.98
C THR A 274 -6.44 36.82 -23.52
N LYS A 275 -6.42 35.81 -22.66
CA LYS A 275 -5.69 34.57 -22.91
C LYS A 275 -6.21 33.81 -24.13
N VAL A 276 -7.52 33.85 -24.35
CA VAL A 276 -8.13 33.24 -25.52
C VAL A 276 -7.69 34.00 -26.77
N ASN A 277 -7.95 35.30 -26.79
CA ASN A 277 -7.57 36.15 -27.93
C ASN A 277 -6.10 35.98 -28.31
N LYS A 278 -5.22 35.88 -27.31
CA LYS A 278 -3.79 35.78 -27.54
C LYS A 278 -3.34 34.38 -27.95
N HIS A 279 -3.72 33.37 -27.18
CA HIS A 279 -3.19 32.00 -27.35
C HIS A 279 -4.08 31.02 -28.14
N ALA A 280 -5.39 31.24 -28.15
CA ALA A 280 -6.34 30.24 -28.69
C ALA A 280 -6.47 30.25 -30.21
N PHE A 281 -7.02 29.16 -30.72
CA PHE A 281 -7.40 28.96 -32.12
C PHE A 281 -6.32 29.31 -33.13
N SER A 282 -5.23 28.54 -33.09
CA SER A 282 -4.11 28.70 -34.00
C SER A 282 -3.30 27.41 -34.05
N GLY A 283 -2.89 27.00 -35.25
CA GLY A 283 -2.00 25.84 -35.41
C GLY A 283 -0.73 25.92 -34.58
N GLY A 284 -0.16 27.12 -34.44
CA GLY A 284 1.09 27.33 -33.73
C GLY A 284 0.99 27.16 -32.22
N ARG A 285 0.41 28.15 -31.53
CA ARG A 285 0.39 28.19 -30.06
C ARG A 285 -0.69 27.26 -29.48
N ASP A 286 -0.50 26.87 -28.22
CA ASP A 286 -1.43 25.99 -27.49
C ASP A 286 -2.12 26.75 -26.34
N THR A 287 -3.23 26.20 -25.84
CA THR A 287 -3.95 26.73 -24.67
C THR A 287 -3.54 26.03 -23.37
N ILE A 288 -3.05 24.78 -23.45
CA ILE A 288 -2.61 24.02 -22.27
C ILE A 288 -1.31 23.24 -22.61
N GLU A 289 -0.33 23.28 -21.69
CA GLU A 289 1.04 22.77 -21.90
C GLU A 289 1.13 21.39 -22.55
N GLU A 290 0.31 20.44 -22.08
CA GLU A 290 0.13 19.13 -22.73
C GLU A 290 -1.38 18.87 -22.76
N HIS A 291 -1.94 18.84 -23.96
CA HIS A 291 -3.40 18.72 -24.20
C HIS A 291 -4.21 17.99 -23.11
N ASN A 297 -8.40 11.29 -31.94
CA ASN A 297 -8.51 12.75 -32.00
C ASN A 297 -7.14 13.44 -32.03
N CYS A 298 -6.43 13.25 -33.15
CA CYS A 298 -5.13 13.90 -33.40
C CYS A 298 -5.19 15.04 -34.44
N ASP A 299 -6.30 15.14 -35.18
CA ASP A 299 -6.53 16.26 -36.12
C ASP A 299 -6.81 17.56 -35.37
N VAL A 300 -7.42 17.40 -34.19
CA VAL A 300 -8.07 18.49 -33.45
C VAL A 300 -7.12 19.27 -32.53
N ASP A 301 -7.53 20.47 -32.16
CA ASP A 301 -6.80 21.35 -31.24
C ASP A 301 -7.41 21.21 -29.84
N VAL A 302 -6.73 21.76 -28.84
CA VAL A 302 -7.32 21.93 -27.49
C VAL A 302 -8.46 22.98 -27.53
N SER A 303 -8.21 24.08 -28.23
CA SER A 303 -9.18 25.17 -28.42
C SER A 303 -10.55 24.69 -28.90
N PHE A 304 -10.54 23.86 -29.94
CA PHE A 304 -11.75 23.36 -30.56
C PHE A 304 -12.51 22.38 -29.67
N MET A 305 -11.78 21.53 -28.95
CA MET A 305 -12.40 20.53 -28.07
C MET A 305 -13.07 21.20 -26.88
N TYR A 306 -12.35 22.13 -26.23
CA TYR A 306 -12.92 22.94 -25.16
C TYR A 306 -14.22 23.60 -25.60
N LEU A 307 -14.19 24.24 -26.77
CA LEU A 307 -15.37 24.90 -27.32
C LEU A 307 -16.51 23.92 -27.54
N THR A 308 -16.19 22.80 -28.19
CA THR A 308 -17.17 21.77 -28.51
C THR A 308 -17.83 21.20 -27.24
N PHE A 309 -17.05 21.03 -26.18
CA PHE A 309 -17.56 20.52 -24.92
C PHE A 309 -18.40 21.57 -24.20
N PHE A 310 -17.81 22.73 -23.97
CA PHE A 310 -18.43 23.78 -23.15
C PHE A 310 -19.63 24.46 -23.80
N LEU A 311 -19.81 24.30 -25.12
CA LEU A 311 -21.05 24.72 -25.79
C LEU A 311 -22.21 23.80 -25.44
N GLU A 312 -23.32 24.41 -25.04
CA GLU A 312 -24.59 23.70 -24.86
C GLU A 312 -25.53 23.90 -26.05
N ASP A 313 -25.36 25.01 -26.77
CA ASP A 313 -26.04 25.27 -28.04
C ASP A 313 -25.52 24.32 -29.12
N ASP A 314 -26.33 23.30 -29.44
CA ASP A 314 -26.03 22.35 -30.54
C ASP A 314 -25.78 23.04 -31.89
N ASP A 315 -26.54 24.10 -32.15
CA ASP A 315 -26.53 24.76 -33.45
C ASP A 315 -25.47 25.85 -33.62
N LYS A 316 -24.62 26.09 -32.61
CA LYS A 316 -23.71 27.23 -32.65
C LYS A 316 -22.60 27.10 -33.69
N LEU A 317 -22.00 25.91 -33.79
CA LEU A 317 -20.92 25.68 -34.75
C LEU A 317 -21.42 25.62 -36.19
N GLU A 318 -22.61 25.05 -36.40
CA GLU A 318 -23.29 25.11 -37.70
C GLU A 318 -23.42 26.57 -38.15
N GLN A 319 -23.91 27.42 -37.26
CA GLN A 319 -24.13 28.85 -37.55
C GLN A 319 -22.83 29.64 -37.74
N ILE A 320 -21.78 29.27 -37.00
CA ILE A 320 -20.45 29.86 -37.20
C ILE A 320 -19.92 29.54 -38.61
N ARG A 321 -20.42 28.47 -39.24
CA ARG A 321 -20.14 28.17 -40.66
C ARG A 321 -21.03 28.93 -41.65
N LYS A 322 -22.30 29.13 -41.29
CA LYS A 322 -23.21 29.94 -42.13
C LYS A 322 -22.77 31.41 -42.04
N ASP A 323 -22.52 31.89 -40.81
CA ASP A 323 -21.72 33.09 -40.57
C ASP A 323 -20.30 32.73 -40.97
N TYR A 324 -19.50 33.71 -41.38
CA TYR A 324 -18.29 33.42 -42.19
C TYR A 324 -18.79 32.83 -43.52
N THR A 325 -17.88 32.34 -44.36
CA THR A 325 -18.27 31.76 -45.67
C THR A 325 -19.34 32.63 -46.36
N SER A 326 -19.12 33.96 -46.29
CA SER A 326 -20.15 35.03 -46.44
C SER A 326 -20.24 35.88 -45.15
N GLY A 327 -19.09 36.29 -44.62
CA GLY A 327 -19.06 37.02 -43.35
C GLY A 327 -17.69 37.04 -42.67
N ALA A 328 -17.71 36.94 -41.34
CA ALA A 328 -16.54 37.21 -40.48
C ALA A 328 -15.52 36.06 -40.38
N MET A 329 -14.41 36.34 -39.71
CA MET A 329 -13.23 35.45 -39.65
C MET A 329 -13.45 34.28 -38.72
N LEU A 330 -12.90 33.12 -39.09
CA LEU A 330 -12.96 31.91 -38.25
C LEU A 330 -12.38 32.19 -36.87
N THR A 331 -11.11 32.58 -36.85
CA THR A 331 -10.36 32.80 -35.61
C THR A 331 -11.07 33.78 -34.67
N GLY A 332 -11.57 34.89 -35.23
CA GLY A 332 -12.33 35.87 -34.47
C GLY A 332 -13.66 35.35 -33.94
N GLU A 333 -14.43 34.70 -34.82
CA GLU A 333 -15.74 34.15 -34.45
C GLU A 333 -15.65 33.00 -33.45
N LEU A 334 -14.62 32.14 -33.61
CA LEU A 334 -14.38 31.02 -32.70
C LEU A 334 -13.89 31.49 -31.33
N LYS A 335 -12.97 32.46 -31.33
CA LYS A 335 -12.51 33.08 -30.08
C LYS A 335 -13.68 33.73 -29.32
N LYS A 336 -14.48 34.50 -30.04
CA LYS A 336 -15.75 35.08 -29.52
C LYS A 336 -16.64 34.06 -28.81
N ALA A 337 -16.86 32.93 -29.48
CA ALA A 337 -17.78 31.90 -29.00
C ALA A 337 -17.27 31.22 -27.71
N LEU A 338 -15.95 31.06 -27.61
CA LEU A 338 -15.32 30.49 -26.42
C LEU A 338 -15.37 31.44 -25.23
N ILE A 339 -15.19 32.74 -25.46
CA ILE A 339 -15.28 33.77 -24.38
C ILE A 339 -16.66 33.74 -23.72
N GLU A 340 -17.70 33.80 -24.53
CA GLU A 340 -19.07 33.83 -24.06
C GLU A 340 -19.45 32.55 -23.34
N VAL A 341 -18.81 31.46 -23.72
CA VAL A 341 -19.03 30.15 -23.10
C VAL A 341 -18.22 29.98 -21.79
N LEU A 342 -16.98 30.47 -21.76
CA LEU A 342 -16.11 30.31 -20.59
C LEU A 342 -16.49 31.24 -19.47
N GLN A 343 -16.56 32.54 -19.77
CA GLN A 343 -16.74 33.59 -18.76
C GLN A 343 -17.84 33.33 -17.71
N PRO A 344 -19.03 32.86 -18.13
CA PRO A 344 -20.04 32.51 -17.14
C PRO A 344 -19.65 31.27 -16.35
N LEU A 345 -19.20 30.22 -17.03
CA LEU A 345 -18.86 28.93 -16.40
C LEU A 345 -17.91 29.09 -15.22
N ILE A 346 -16.84 29.85 -15.42
CA ILE A 346 -15.87 30.18 -14.36
C ILE A 346 -16.47 31.07 -13.28
N ALA A 347 -17.28 32.06 -13.68
CA ALA A 347 -17.92 32.97 -12.72
C ALA A 347 -18.93 32.23 -11.83
N GLU A 348 -19.81 31.47 -12.47
CA GLU A 348 -20.76 30.58 -11.80
C GLU A 348 -20.06 29.53 -10.92
N HIS A 349 -18.85 29.12 -11.34
CA HIS A 349 -18.02 28.24 -10.52
C HIS A 349 -17.44 28.95 -9.30
N GLN A 350 -16.86 30.13 -9.53
CA GLN A 350 -16.27 30.96 -8.47
C GLN A 350 -17.26 31.34 -7.36
N ALA A 351 -18.48 31.69 -7.77
CA ALA A 351 -19.54 32.08 -6.83
C ALA A 351 -20.02 30.90 -6.00
N ARG A 352 -20.21 29.77 -6.68
CA ARG A 352 -20.68 28.54 -6.08
C ARG A 352 -19.63 27.89 -5.19
N ARG A 353 -18.35 28.07 -5.53
CA ARG A 353 -17.24 27.56 -4.73
C ARG A 353 -17.22 28.16 -3.32
N LYS A 354 -17.64 29.40 -3.17
CA LYS A 354 -17.69 30.06 -1.85
C LYS A 354 -18.75 29.48 -0.91
N GLU A 355 -19.85 28.99 -1.48
CA GLU A 355 -20.87 28.29 -0.70
C GLU A 355 -20.44 26.91 -0.19
N VAL A 356 -19.30 26.38 -0.66
CA VAL A 356 -18.75 25.10 -0.18
C VAL A 356 -17.89 25.34 1.07
N THR A 357 -18.50 25.15 2.24
CA THR A 357 -17.83 25.28 3.52
C THR A 357 -17.04 24.02 3.86
N ASP A 358 -16.10 24.16 4.79
CA ASP A 358 -15.28 23.04 5.28
C ASP A 358 -16.12 21.88 5.81
N GLU A 359 -17.28 22.19 6.39
CA GLU A 359 -18.20 21.18 6.92
C GLU A 359 -18.85 20.34 5.81
N ILE A 360 -19.20 20.99 4.69
CA ILE A 360 -19.73 20.27 3.51
C ILE A 360 -18.68 19.32 2.94
N VAL A 361 -17.43 19.77 2.85
CA VAL A 361 -16.30 18.92 2.42
C VAL A 361 -16.14 17.71 3.33
N LYS A 362 -16.23 17.92 4.64
CA LYS A 362 -16.17 16.82 5.61
C LYS A 362 -17.28 15.80 5.34
N GLU A 363 -18.49 16.30 5.06
CA GLU A 363 -19.63 15.43 4.78
C GLU A 363 -19.38 14.61 3.53
N PHE A 364 -18.95 15.27 2.46
CA PHE A 364 -18.59 14.57 1.20
C PHE A 364 -17.50 13.54 1.44
N MET A 365 -16.50 13.90 2.25
CA MET A 365 -15.35 13.04 2.54
C MET A 365 -15.54 12.02 3.67
N THR A 366 -16.74 11.94 4.25
CA THR A 366 -17.01 11.02 5.36
C THR A 366 -17.59 9.74 4.78
N PRO A 367 -16.94 8.59 5.08
CA PRO A 367 -17.49 7.29 4.67
C PRO A 367 -18.91 7.10 5.15
N ARG A 368 -19.82 6.80 4.23
CA ARG A 368 -21.23 6.60 4.56
C ARG A 368 -21.92 5.85 3.44
N LYS A 369 -23.07 5.25 3.72
CA LYS A 369 -23.77 4.45 2.72
C LYS A 369 -24.37 5.34 1.62
N LEU A 370 -24.33 4.82 0.38
CA LEU A 370 -24.95 5.46 -0.78
C LEU A 370 -25.93 4.47 -1.38
N SER A 371 -27.20 4.86 -1.48
CA SER A 371 -28.25 3.96 -1.92
C SER A 371 -28.41 3.96 -3.43
N PHE A 372 -29.19 3.02 -3.93
CA PHE A 372 -29.49 2.90 -5.35
C PHE A 372 -30.99 3.17 -5.60
N ASP A 373 -31.31 3.52 -6.84
CA ASP A 373 -32.68 3.89 -7.25
C ASP A 373 -32.97 3.43 -8.69
N GLY B 1 32.80 -35.92 10.73
CA GLY B 1 32.77 -35.10 9.49
C GLY B 1 32.73 -33.60 9.77
N ILE B 2 31.75 -33.19 10.57
CA ILE B 2 31.55 -31.78 10.93
C ILE B 2 32.40 -31.38 12.15
N ASP B 3 32.86 -32.38 12.93
CA ASP B 3 33.83 -32.17 14.03
C ASP B 3 33.21 -31.36 15.17
N TYR B 4 32.45 -32.06 16.00
CA TYR B 4 31.68 -31.43 17.09
C TYR B 4 32.51 -31.18 18.34
N ASP B 5 33.53 -32.00 18.59
CA ASP B 5 34.49 -31.79 19.69
C ASP B 5 35.10 -30.38 19.65
N LYS B 6 35.42 -29.92 18.44
CA LYS B 6 35.88 -28.56 18.24
C LYS B 6 34.79 -27.57 18.64
N LEU B 7 33.58 -27.78 18.11
CA LEU B 7 32.46 -26.87 18.33
C LEU B 7 32.02 -26.72 19.79
N ILE B 8 32.16 -27.80 20.57
CA ILE B 8 31.89 -27.75 22.03
C ILE B 8 32.96 -26.95 22.79
N VAL B 9 34.22 -27.14 22.41
CA VAL B 9 35.32 -26.38 23.02
C VAL B 9 35.23 -24.90 22.64
N ARG B 10 34.94 -24.63 21.36
CA ARG B 10 34.78 -23.26 20.86
C ARG B 10 33.60 -22.53 21.53
N PHE B 11 32.56 -23.29 21.88
CA PHE B 11 31.45 -22.76 22.68
C PHE B 11 31.88 -22.48 24.13
N GLY B 12 32.61 -23.44 24.72
CA GLY B 12 33.14 -23.27 26.08
C GLY B 12 34.21 -22.20 26.21
N SER B 13 35.06 -22.07 25.20
CA SER B 13 36.21 -21.16 25.20
C SER B 13 35.90 -19.76 25.73
N SER B 14 34.85 -19.15 25.19
CA SER B 14 34.39 -17.83 25.63
C SER B 14 33.67 -17.93 26.97
N LYS B 15 34.17 -17.21 27.97
CA LYS B 15 33.61 -17.24 29.33
C LYS B 15 32.35 -16.37 29.43
N ILE B 16 31.59 -16.58 30.50
CA ILE B 16 30.33 -15.86 30.72
C ILE B 16 30.64 -14.42 31.12
N ASP B 17 29.86 -13.49 30.58
CA ASP B 17 30.11 -12.06 30.72
C ASP B 17 29.62 -11.54 32.08
N LYS B 18 30.43 -11.72 33.12
CA LYS B 18 30.05 -11.38 34.50
C LYS B 18 29.88 -9.86 34.74
N GLU B 19 30.73 -9.06 34.10
CA GLU B 19 30.65 -7.59 34.20
C GLU B 19 29.37 -7.01 33.57
N LEU B 20 28.89 -7.64 32.50
CA LEU B 20 27.60 -7.27 31.91
C LEU B 20 26.45 -7.70 32.83
N ILE B 21 26.50 -8.95 33.32
CA ILE B 21 25.54 -9.44 34.32
C ILE B 21 25.36 -8.44 35.46
N ASN B 22 26.46 -7.89 35.95
CA ASN B 22 26.44 -6.87 37.01
C ASN B 22 25.78 -5.58 36.55
N ARG B 23 26.10 -5.14 35.33
CA ARG B 23 25.53 -3.91 34.78
C ARG B 23 24.01 -4.02 34.56
N ILE B 24 23.56 -5.22 34.20
CA ILE B 24 22.13 -5.54 34.12
C ILE B 24 21.51 -5.48 35.52
N GLU B 25 22.21 -6.08 36.48
CA GLU B 25 21.79 -6.15 37.90
C GLU B 25 21.55 -4.76 38.52
N ARG B 26 22.33 -3.77 38.10
CA ARG B 26 22.20 -2.39 38.60
C ARG B 26 21.02 -1.69 37.96
N ALA B 27 20.95 -1.73 36.63
CA ALA B 27 19.87 -1.10 35.87
C ALA B 27 18.49 -1.71 36.17
N THR B 28 18.45 -3.03 36.35
CA THR B 28 17.23 -3.75 36.74
C THR B 28 17.61 -4.77 37.81
N GLY B 29 16.89 -4.79 38.92
CA GLY B 29 17.16 -5.76 39.99
C GLY B 29 16.87 -7.20 39.58
N GLN B 30 17.69 -7.73 38.67
CA GLN B 30 17.45 -9.01 38.01
C GLN B 30 18.76 -9.75 37.79
N ARG B 31 18.75 -11.04 38.08
CA ARG B 31 19.87 -11.95 37.78
C ARG B 31 19.58 -12.69 36.46
N PRO B 32 20.02 -12.13 35.32
CA PRO B 32 19.90 -12.94 34.11
C PRO B 32 20.87 -14.11 34.20
N HIS B 33 20.44 -15.26 33.70
CA HIS B 33 21.24 -16.49 33.77
C HIS B 33 21.09 -17.30 32.47
N ARG B 34 20.93 -16.60 31.35
CA ARG B 34 20.75 -17.23 30.04
C ARG B 34 21.12 -16.26 28.93
N PHE B 35 21.72 -16.79 27.88
CA PHE B 35 22.19 -16.02 26.71
C PHE B 35 23.36 -15.06 27.00
N LEU B 36 24.05 -15.26 28.13
CA LEU B 36 25.13 -14.35 28.56
C LEU B 36 26.54 -14.84 28.18
N ARG B 37 26.62 -15.98 27.49
CA ARG B 37 27.91 -16.46 26.96
C ARG B 37 28.43 -15.40 25.99
N ARG B 38 29.67 -14.96 26.21
CA ARG B 38 30.24 -13.73 25.63
C ARG B 38 30.25 -13.71 24.11
N GLY B 39 29.55 -12.74 23.52
CA GLY B 39 29.55 -12.51 22.08
C GLY B 39 28.62 -13.39 21.25
N ILE B 40 28.02 -14.42 21.87
CA ILE B 40 27.31 -15.46 21.12
C ILE B 40 25.92 -14.96 20.70
N PHE B 41 25.03 -14.78 21.67
CA PHE B 41 23.65 -14.39 21.37
C PHE B 41 23.51 -12.87 21.15
N PHE B 42 24.52 -12.12 21.57
CA PHE B 42 24.64 -10.68 21.25
C PHE B 42 26.07 -10.21 21.51
N SER B 43 26.41 -9.06 20.95
CA SER B 43 27.74 -8.45 21.15
C SER B 43 27.77 -7.62 22.43
N HIS B 44 28.91 -7.67 23.12
CA HIS B 44 29.09 -6.97 24.39
C HIS B 44 28.83 -5.47 24.27
N ARG B 45 29.35 -4.85 23.20
CA ARG B 45 29.21 -3.39 23.04
C ARG B 45 27.78 -2.98 22.63
N ASP B 46 27.10 -3.77 21.80
CA ASP B 46 25.71 -3.45 21.42
C ASP B 46 24.74 -3.53 22.62
N MET B 47 25.00 -4.45 23.53
CA MET B 47 24.25 -4.52 24.80
C MET B 47 24.54 -3.33 25.69
N ASN B 48 25.81 -2.93 25.73
CA ASN B 48 26.22 -1.71 26.43
C ASN B 48 25.55 -0.47 25.82
N GLN B 49 25.44 -0.43 24.49
CA GLN B 49 24.67 0.61 23.78
C GLN B 49 23.21 0.67 24.26
N VAL B 50 22.57 -0.49 24.43
CA VAL B 50 21.19 -0.59 24.91
C VAL B 50 21.11 -0.15 26.36
N LEU B 51 21.99 -0.74 27.19
CA LEU B 51 22.09 -0.40 28.61
C LEU B 51 22.29 1.08 28.87
N ASP B 52 23.09 1.77 28.04
CA ASP B 52 23.22 3.23 28.12
C ASP B 52 21.85 3.88 28.06
N ALA B 53 21.11 3.59 26.99
CA ALA B 53 19.80 4.17 26.74
C ALA B 53 18.81 3.87 27.87
N TYR B 54 18.80 2.61 28.31
CA TYR B 54 17.95 2.20 29.44
C TYR B 54 18.33 2.93 30.73
N GLU B 55 19.62 3.12 30.96
CA GLU B 55 20.12 3.89 32.11
C GLU B 55 19.91 5.40 31.96
N ASN B 56 20.05 5.92 30.74
CA ASN B 56 19.79 7.34 30.44
C ASN B 56 18.31 7.68 30.19
N LYS B 57 17.43 6.68 30.33
CA LYS B 57 15.98 6.84 30.18
C LYS B 57 15.55 7.33 28.78
N LYS B 58 16.25 6.83 27.76
CA LYS B 58 15.86 7.05 26.37
C LYS B 58 14.86 5.95 26.00
N PRO B 59 13.64 6.35 25.59
CA PRO B 59 12.66 5.32 25.23
C PRO B 59 13.05 4.54 23.97
N PHE B 60 12.88 3.23 24.00
CA PHE B 60 13.01 2.39 22.79
C PHE B 60 12.06 1.19 22.85
N TYR B 61 11.72 0.68 21.68
CA TYR B 61 10.89 -0.52 21.57
C TYR B 61 11.58 -1.57 20.73
N LEU B 62 11.25 -2.84 20.98
CA LEU B 62 11.72 -3.95 20.17
C LEU B 62 10.80 -4.13 18.96
N TYR B 63 11.38 -4.60 17.87
CA TYR B 63 10.66 -4.92 16.63
C TYR B 63 11.14 -6.26 16.08
N THR B 64 10.20 -7.11 15.70
CA THR B 64 10.51 -8.40 15.07
C THR B 64 9.46 -8.74 14.01
N GLY B 65 9.92 -9.36 12.92
CA GLY B 65 9.07 -9.70 11.78
C GLY B 65 8.59 -11.13 11.80
N ARG B 66 7.69 -11.47 10.87
CA ARG B 66 7.19 -12.83 10.70
C ARG B 66 6.58 -13.07 9.32
N GLY B 67 6.80 -14.28 8.79
CA GLY B 67 6.25 -14.73 7.50
C GLY B 67 5.25 -15.86 7.68
N PRO B 68 3.98 -15.62 7.47
CA PRO B 68 2.98 -16.63 7.77
C PRO B 68 2.85 -17.76 6.75
N SER B 69 3.53 -18.85 7.04
CA SER B 69 3.55 -20.10 6.26
C SER B 69 2.64 -21.15 6.90
N SER B 70 1.94 -21.93 6.07
CA SER B 70 0.93 -22.88 6.56
C SER B 70 1.59 -24.08 7.25
N ALA B 72 3.07 -26.14 9.04
CA ALA B 72 3.08 -25.41 10.29
C ALA B 72 4.45 -24.75 10.54
N MET B 73 4.56 -24.06 11.67
CA MET B 73 5.85 -23.55 12.17
C MET B 73 6.82 -24.69 12.41
N HIS B 74 8.13 -24.42 12.32
CA HIS B 74 9.13 -25.35 12.86
C HIS B 74 10.11 -24.67 13.83
N VAL B 75 10.70 -25.52 14.68
CA VAL B 75 11.45 -25.10 15.87
C VAL B 75 12.37 -23.92 15.67
N GLY B 76 13.12 -23.91 14.57
CA GLY B 76 14.00 -22.80 14.23
C GLY B 76 13.35 -21.43 14.19
N HIS B 77 12.10 -21.38 13.74
CA HIS B 77 11.34 -20.12 13.65
C HIS B 77 10.94 -19.59 15.02
N LEU B 78 10.81 -20.48 16.00
CA LEU B 78 10.43 -20.11 17.36
C LEU B 78 11.56 -19.43 18.12
N ILE B 79 12.79 -19.77 17.76
CA ILE B 79 14.01 -19.31 18.43
C ILE B 79 14.11 -17.78 18.55
N PRO B 80 13.96 -17.05 17.43
CA PRO B 80 13.95 -15.57 17.51
C PRO B 80 13.02 -15.01 18.58
N PHE B 81 11.82 -15.58 18.71
CA PHE B 81 10.82 -15.07 19.64
C PHE B 81 11.15 -15.38 21.10
N ILE B 82 11.68 -16.57 21.35
CA ILE B 82 12.10 -16.98 22.70
C ILE B 82 13.13 -15.99 23.24
N PHE B 83 14.13 -15.71 22.42
CA PHE B 83 15.14 -14.71 22.76
C PHE B 83 14.55 -13.31 22.94
N THR B 84 13.64 -12.93 22.04
CA THR B 84 13.01 -11.61 22.08
C THR B 84 12.17 -11.40 23.34
N LYS B 85 11.41 -12.41 23.73
CA LYS B 85 10.70 -12.39 25.01
C LYS B 85 11.67 -12.15 26.16
N TRP B 86 12.77 -12.91 26.18
CA TRP B 86 13.79 -12.78 27.23
C TRP B 86 14.27 -11.34 27.33
N LEU B 87 14.66 -10.75 26.20
CA LEU B 87 15.01 -9.32 26.15
C LEU B 87 13.90 -8.48 26.74
N GLN B 88 12.67 -8.72 26.29
CA GLN B 88 11.52 -7.94 26.73
C GLN B 88 11.34 -7.97 28.25
N ASP B 89 11.42 -9.15 28.85
CA ASP B 89 11.37 -9.29 30.31
C ASP B 89 12.50 -8.53 31.01
N VAL B 90 13.72 -8.67 30.49
CA VAL B 90 14.91 -8.08 31.11
C VAL B 90 14.79 -6.55 31.22
N PHE B 91 14.27 -5.90 30.18
CA PHE B 91 14.17 -4.43 30.14
C PHE B 91 12.74 -3.87 30.24
N ASN B 92 11.73 -4.73 30.28
CA ASN B 92 10.30 -4.32 30.33
C ASN B 92 9.95 -3.27 29.29
N VAL B 93 10.18 -3.62 28.03
CA VAL B 93 10.10 -2.69 26.90
C VAL B 93 8.94 -3.03 25.99
N PRO B 94 8.35 -2.03 25.30
CA PRO B 94 7.33 -2.34 24.30
C PRO B 94 7.88 -3.16 23.13
N LEU B 95 7.04 -4.06 22.60
CA LEU B 95 7.38 -4.91 21.46
C LEU B 95 6.31 -4.79 20.39
N VAL B 96 6.76 -4.60 19.16
CA VAL B 96 5.91 -4.58 18.00
C VAL B 96 6.27 -5.81 17.18
N ILE B 97 5.26 -6.63 16.85
CA ILE B 97 5.47 -7.83 16.02
C ILE B 97 4.63 -7.69 14.76
N GLN B 98 5.32 -7.74 13.61
CA GLN B 98 4.68 -7.58 12.30
C GLN B 98 4.51 -8.93 11.61
N MET B 99 3.26 -9.23 11.27
CA MET B 99 2.92 -10.40 10.45
C MET B 99 2.80 -9.95 9.01
N THR B 100 3.82 -10.26 8.20
CA THR B 100 3.85 -9.85 6.80
C THR B 100 3.00 -10.80 5.95
N ASP B 101 1.69 -10.66 6.10
CA ASP B 101 0.73 -11.56 5.44
C ASP B 101 0.62 -11.20 3.96
N ASP B 102 0.54 -9.89 3.69
CA ASP B 102 0.66 -9.33 2.34
C ASP B 102 1.93 -9.78 1.60
N GLU B 103 3.04 -9.84 2.30
CA GLU B 103 4.29 -10.31 1.74
C GLU B 103 4.15 -11.76 1.26
N LYS B 104 3.59 -12.63 2.11
CA LYS B 104 3.43 -14.04 1.76
C LYS B 104 2.50 -14.25 0.58
N TYR B 105 1.41 -13.47 0.54
CA TYR B 105 0.50 -13.47 -0.61
C TYR B 105 1.24 -13.05 -1.89
N LEU B 106 2.06 -12.00 -1.80
CA LEU B 106 2.82 -11.49 -2.94
C LEU B 106 3.89 -12.46 -3.45
N TRP B 107 4.61 -13.10 -2.53
CA TRP B 107 5.70 -14.01 -2.89
C TRP B 107 5.27 -15.44 -3.18
N LYS B 108 4.17 -15.88 -2.57
CA LYS B 108 3.79 -17.30 -2.61
C LYS B 108 2.40 -17.53 -3.19
N ASP B 109 2.12 -18.80 -3.45
CA ASP B 109 0.90 -19.23 -4.09
C ASP B 109 -0.20 -19.40 -3.03
N LEU B 110 -0.77 -18.27 -2.60
CA LEU B 110 -1.84 -18.25 -1.58
C LEU B 110 -2.96 -17.32 -2.00
N THR B 111 -4.16 -17.58 -1.50
CA THR B 111 -5.21 -16.57 -1.49
C THR B 111 -4.88 -15.59 -0.37
N LEU B 112 -5.35 -14.35 -0.52
CA LEU B 112 -5.23 -13.33 0.52
C LEU B 112 -5.68 -13.92 1.85
N ASP B 113 -6.91 -14.45 1.85
CA ASP B 113 -7.55 -15.04 3.04
C ASP B 113 -6.74 -16.17 3.69
N GLN B 114 -6.06 -16.97 2.86
CA GLN B 114 -5.17 -17.99 3.39
C GLN B 114 -4.00 -17.33 4.13
N ALA B 115 -3.38 -16.34 3.49
CA ALA B 115 -2.25 -15.63 4.06
C ALA B 115 -2.63 -14.91 5.36
N TYR B 116 -3.83 -14.32 5.38
CA TYR B 116 -4.36 -13.73 6.60
C TYR B 116 -4.62 -14.81 7.67
N SER B 117 -5.21 -15.93 7.28
CA SER B 117 -5.47 -17.03 8.22
C SER B 117 -4.19 -17.64 8.81
N TYR B 118 -3.14 -17.74 7.99
CA TYR B 118 -1.86 -18.27 8.46
C TYR B 118 -1.17 -17.33 9.44
N ALA B 119 -1.41 -16.04 9.30
CA ALA B 119 -0.90 -15.04 10.24
C ALA B 119 -1.56 -15.16 11.61
N VAL B 120 -2.89 -15.14 11.61
CA VAL B 120 -3.68 -15.28 12.84
C VAL B 120 -3.30 -16.56 13.60
N GLU B 121 -3.20 -17.68 12.88
CA GLU B 121 -2.79 -18.96 13.49
C GLU B 121 -1.37 -18.92 14.03
N ASN B 122 -0.44 -18.36 13.26
CA ASN B 122 0.94 -18.21 13.72
C ASN B 122 1.07 -17.37 14.98
N ALA B 123 0.24 -16.34 15.09
CA ALA B 123 0.19 -15.47 16.27
C ALA B 123 -0.07 -16.24 17.56
N LYS B 124 -0.79 -17.36 17.47
CA LYS B 124 -0.99 -18.24 18.61
C LYS B 124 0.32 -18.86 19.08
N ASP B 125 1.17 -19.26 18.13
CA ASP B 125 2.50 -19.81 18.45
C ASP B 125 3.40 -18.74 19.00
N ILE B 126 3.31 -17.54 18.43
CA ILE B 126 4.07 -16.39 18.91
C ILE B 126 3.62 -16.02 20.32
N ILE B 127 2.30 -15.90 20.52
CA ILE B 127 1.74 -15.60 21.84
C ILE B 127 2.11 -16.68 22.87
N ALA B 128 2.14 -17.95 22.45
CA ALA B 128 2.50 -19.07 23.33
C ALA B 128 3.97 -19.10 23.80
N CYS B 129 4.84 -18.28 23.20
CA CYS B 129 6.18 -18.02 23.76
C CYS B 129 6.15 -17.21 25.05
N GLY B 130 5.02 -16.56 25.34
CA GLY B 130 4.74 -15.94 26.63
C GLY B 130 4.88 -14.42 26.71
N PHE B 131 4.68 -13.72 25.60
CA PHE B 131 4.85 -12.26 25.59
C PHE B 131 3.81 -11.54 26.44
N ASP B 132 4.26 -10.52 27.19
CA ASP B 132 3.37 -9.71 28.03
C ASP B 132 2.46 -8.86 27.14
N ILE B 133 1.16 -8.96 27.35
CA ILE B 133 0.16 -8.28 26.51
C ILE B 133 0.31 -6.77 26.66
N ASN B 134 0.62 -6.34 27.88
CA ASN B 134 0.71 -4.92 28.21
C ASN B 134 1.91 -4.22 27.56
N LYS B 135 2.91 -5.00 27.12
CA LYS B 135 4.07 -4.48 26.38
C LYS B 135 4.18 -4.99 24.94
N THR B 136 3.14 -5.62 24.39
CA THR B 136 3.28 -6.34 23.11
C THR B 136 2.12 -6.07 22.17
N PHE B 137 2.45 -5.53 21.00
CA PHE B 137 1.49 -5.36 19.92
C PHE B 137 1.87 -6.32 18.80
N ILE B 138 0.89 -7.12 18.34
CA ILE B 138 1.09 -8.02 17.23
C ILE B 138 0.13 -7.51 16.17
N PHE B 139 0.59 -7.39 14.93
CA PHE B 139 -0.28 -6.86 13.88
C PHE B 139 -0.04 -7.49 12.52
N SER B 140 -1.12 -7.62 11.76
CA SER B 140 -1.07 -8.10 10.39
C SER B 140 -1.13 -6.88 9.47
N ASP B 141 -0.26 -6.86 8.47
CA ASP B 141 -0.16 -5.76 7.53
C ASP B 141 -1.50 -5.46 6.85
N LEU B 142 -2.19 -6.51 6.41
CA LEU B 142 -3.46 -6.34 5.71
C LEU B 142 -4.53 -5.66 6.58
N ASP B 143 -4.58 -6.00 7.87
CA ASP B 143 -5.52 -5.40 8.82
C ASP B 143 -5.06 -4.06 9.35
N TYR B 144 -3.80 -3.96 9.78
CA TYR B 144 -3.34 -2.72 10.38
C TYR B 144 -3.31 -1.54 9.40
N MET B 145 -3.00 -1.79 8.14
CA MET B 145 -2.87 -0.70 7.17
C MET B 145 -4.14 0.14 7.09
N GLY B 146 -5.29 -0.53 7.16
CA GLY B 146 -6.59 0.11 7.12
C GLY B 146 -7.15 0.64 8.44
N MET B 147 -6.39 0.54 9.53
CA MET B 147 -6.81 1.12 10.80
C MET B 147 -5.66 1.87 11.46
N SER B 148 -4.96 2.69 10.68
CA SER B 148 -3.84 3.50 11.18
C SER B 148 -3.76 4.81 10.45
N SER B 149 -3.67 5.90 11.21
CA SER B 149 -3.54 7.24 10.63
C SER B 149 -2.07 7.63 10.37
N GLY B 150 -1.12 6.75 10.67
CA GLY B 150 0.30 7.01 10.42
C GLY B 150 1.05 6.02 9.53
N PHE B 151 0.62 4.76 9.52
CA PHE B 151 1.42 3.68 8.94
C PHE B 151 1.60 3.84 7.44
N TYR B 152 0.49 4.04 6.72
CA TYR B 152 0.54 4.24 5.28
C TYR B 152 1.31 5.51 4.91
N LYS B 153 1.18 6.55 5.72
CA LYS B 153 1.88 7.82 5.46
C LYS B 153 3.40 7.60 5.47
N ASN B 154 3.91 6.83 6.43
CA ASN B 154 5.33 6.45 6.42
C ASN B 154 5.72 5.51 5.30
N VAL B 155 4.81 4.62 4.92
CA VAL B 155 5.01 3.74 3.77
C VAL B 155 5.21 4.60 2.51
N VAL B 156 4.34 5.60 2.33
CA VAL B 156 4.44 6.51 1.20
C VAL B 156 5.74 7.34 1.21
N LYS B 157 6.19 7.76 2.39
CA LYS B 157 7.46 8.50 2.53
C LYS B 157 8.66 7.66 2.11
N ILE B 158 8.72 6.44 2.64
CA ILE B 158 9.80 5.51 2.32
C ILE B 158 9.77 5.20 0.82
N GLN B 159 8.57 4.97 0.30
CA GLN B 159 8.39 4.70 -1.13
C GLN B 159 8.95 5.80 -2.04
N LYS B 160 8.74 7.07 -1.67
CA LYS B 160 9.27 8.19 -2.46
C LYS B 160 10.81 8.21 -2.48
N HIS B 161 11.44 7.89 -1.36
CA HIS B 161 12.90 8.00 -1.20
C HIS B 161 13.69 6.69 -1.41
N VAL B 162 13.12 5.74 -2.14
CA VAL B 162 13.82 4.52 -2.57
C VAL B 162 13.46 4.24 -4.03
N THR B 163 14.48 4.02 -4.85
CA THR B 163 14.30 3.73 -6.28
C THR B 163 14.30 2.25 -6.56
N PHE B 164 13.90 1.90 -7.78
CA PHE B 164 13.97 0.53 -8.25
C PHE B 164 15.42 0.05 -8.21
N ASN B 165 16.33 0.87 -8.73
CA ASN B 165 17.77 0.56 -8.74
C ASN B 165 18.30 0.06 -7.40
N GLN B 166 17.89 0.75 -6.33
CA GLN B 166 18.31 0.42 -4.97
C GLN B 166 17.77 -0.94 -4.52
N VAL B 167 16.46 -1.15 -4.66
CA VAL B 167 15.87 -2.45 -4.31
C VAL B 167 16.34 -3.57 -5.25
N LYS B 168 16.59 -3.25 -6.51
CA LYS B 168 17.16 -4.22 -7.46
C LYS B 168 18.52 -4.72 -6.96
N GLY B 169 19.38 -3.77 -6.57
CA GLY B 169 20.71 -4.08 -6.06
C GLY B 169 20.76 -4.77 -4.71
N ILE B 170 19.70 -4.62 -3.91
CA ILE B 170 19.62 -5.21 -2.57
C ILE B 170 18.84 -6.55 -2.58
N PHE B 171 17.70 -6.60 -3.27
CA PHE B 171 16.82 -7.78 -3.26
C PHE B 171 16.88 -8.63 -4.54
N GLY B 172 17.49 -8.11 -5.60
CA GLY B 172 17.61 -8.85 -6.86
C GLY B 172 16.31 -9.01 -7.63
N PHE B 173 15.43 -8.02 -7.54
CA PHE B 173 14.16 -8.06 -8.28
C PHE B 173 14.45 -7.82 -9.75
N THR B 174 13.72 -8.53 -10.60
CA THR B 174 13.78 -8.34 -12.05
C THR B 174 12.55 -7.56 -12.51
N ASP B 175 12.50 -7.24 -13.79
CA ASP B 175 11.35 -6.55 -14.38
C ASP B 175 10.14 -7.46 -14.53
N SER B 176 10.36 -8.77 -14.53
CA SER B 176 9.27 -9.76 -14.54
C SER B 176 8.45 -9.78 -13.25
N ASP B 177 9.06 -9.33 -12.15
CA ASP B 177 8.42 -9.33 -10.83
C ASP B 177 7.25 -8.37 -10.73
N CYS B 178 6.23 -8.79 -9.97
CA CYS B 178 5.02 -7.99 -9.78
C CYS B 178 5.31 -6.78 -8.93
N ILE B 179 4.51 -5.74 -9.13
CA ILE B 179 4.76 -4.44 -8.50
C ILE B 179 4.61 -4.47 -6.97
N GLY B 180 3.84 -5.44 -6.47
CA GLY B 180 3.72 -5.69 -5.04
C GLY B 180 5.04 -5.98 -4.37
N LYS B 181 5.79 -6.92 -4.94
CA LYS B 181 7.13 -7.26 -4.45
C LYS B 181 8.04 -6.05 -4.42
N ILE B 182 8.00 -5.25 -5.48
CA ILE B 182 8.95 -4.16 -5.67
C ILE B 182 8.78 -3.07 -4.61
N SER B 183 7.53 -2.75 -4.27
CA SER B 183 7.23 -1.70 -3.30
C SER B 183 7.11 -2.19 -1.86
N PHE B 184 7.13 -3.51 -1.67
CA PHE B 184 6.94 -4.09 -0.34
C PHE B 184 8.01 -3.69 0.69
N PRO B 185 9.29 -3.62 0.30
CA PRO B 185 10.31 -3.25 1.29
C PRO B 185 9.97 -2.03 2.17
N ALA B 186 9.26 -1.05 1.61
CA ALA B 186 8.74 0.10 2.38
C ALA B 186 7.80 -0.29 3.54
N ILE B 187 7.04 -1.37 3.34
CA ILE B 187 6.14 -1.93 4.36
C ILE B 187 6.96 -2.56 5.50
N GLN B 188 8.01 -3.29 5.16
CA GLN B 188 8.90 -3.93 6.15
C GLN B 188 9.73 -2.91 6.93
N ALA B 189 10.02 -1.75 6.32
CA ALA B 189 10.82 -0.71 6.95
C ALA B 189 10.01 0.20 7.88
N ALA B 190 8.73 0.41 7.56
CA ALA B 190 7.89 1.34 8.32
C ALA B 190 7.77 1.09 9.85
N PRO B 191 7.73 -0.18 10.31
CA PRO B 191 7.66 -0.42 11.76
C PRO B 191 8.87 0.05 12.56
N SER B 192 10.04 0.17 11.92
CA SER B 192 11.23 0.74 12.58
C SER B 192 11.07 2.21 13.03
N PHE B 193 10.02 2.89 12.58
CA PHE B 193 9.74 4.27 12.95
C PHE B 193 8.47 4.31 13.79
N SER B 194 8.54 5.03 14.92
CA SER B 194 7.51 4.98 15.96
C SER B 194 6.19 5.59 15.53
N ASN B 195 6.25 6.73 14.85
CA ASN B 195 5.02 7.42 14.40
C ASN B 195 4.18 6.67 13.35
N SER B 196 4.70 5.56 12.83
CA SER B 196 3.87 4.57 12.11
C SER B 196 2.72 4.03 12.95
N PHE B 197 2.83 4.11 14.28
CA PHE B 197 1.80 3.66 15.22
C PHE B 197 1.32 4.81 16.11
N PRO B 198 0.27 5.52 15.68
CA PRO B 198 -0.37 6.55 16.52
C PRO B 198 -0.95 6.01 17.82
N GLN B 199 -1.70 4.91 17.75
CA GLN B 199 -2.43 4.37 18.91
C GLN B 199 -1.47 3.75 19.91
N ILE B 200 -0.35 3.21 19.42
CA ILE B 200 0.61 2.49 20.26
C ILE B 200 1.55 3.46 20.99
N PHE B 201 2.07 4.45 20.27
CA PHE B 201 3.06 5.38 20.84
C PHE B 201 2.58 6.82 21.04
N ARG B 202 1.79 7.37 20.12
CA ARG B 202 1.21 8.74 20.25
C ARG B 202 2.20 9.77 20.85
N ASP B 203 3.36 9.91 20.20
CA ASP B 203 4.49 10.62 20.81
C ASP B 203 5.56 10.99 19.78
N ARG B 204 6.28 12.07 20.08
CA ARG B 204 7.47 12.48 19.32
C ARG B 204 8.65 11.63 19.81
N THR B 205 9.70 11.53 18.98
CA THR B 205 10.87 10.70 19.31
C THR B 205 11.71 11.33 20.42
N ILE B 207 12.01 8.19 20.97
CA ILE B 207 11.67 6.79 20.70
C ILE B 207 12.54 6.20 19.58
N GLN B 208 13.47 5.35 19.97
CA GLN B 208 14.30 4.58 19.05
C GLN B 208 13.60 3.25 18.79
N CYS B 209 14.17 2.50 17.86
CA CYS B 209 13.76 1.12 17.59
C CYS B 209 14.96 0.21 17.73
N LEU B 210 14.73 -0.98 18.27
CA LEU B 210 15.78 -1.97 18.46
C LEU B 210 15.33 -3.26 17.78
N ILE B 211 16.15 -3.80 16.88
CA ILE B 211 15.79 -5.02 16.16
C ILE B 211 16.73 -6.16 16.57
N PRO B 212 16.29 -7.03 17.50
CA PRO B 212 17.10 -8.20 17.84
C PRO B 212 17.03 -9.28 16.77
N CYS B 213 17.86 -10.32 16.94
CA CYS B 213 17.95 -11.47 16.01
C CYS B 213 18.29 -11.05 14.57
N ALA B 214 18.91 -9.88 14.43
CA ALA B 214 19.01 -9.17 13.16
C ALA B 214 20.42 -9.26 12.63
N ILE B 215 20.53 -9.63 11.36
CA ILE B 215 21.81 -9.83 10.67
C ILE B 215 22.12 -8.55 9.89
N ASP B 216 23.39 -8.14 9.89
CA ASP B 216 23.82 -6.85 9.33
C ASP B 216 23.71 -6.81 7.80
N GLN B 217 23.88 -7.97 7.17
CA GLN B 217 23.69 -8.13 5.73
C GLN B 217 22.27 -8.65 5.36
N ASP B 218 21.26 -8.21 6.12
CA ASP B 218 19.87 -8.47 5.78
C ASP B 218 19.39 -7.36 4.84
N PRO B 219 18.89 -7.72 3.64
CA PRO B 219 18.37 -6.76 2.66
C PRO B 219 17.36 -5.73 3.20
N TYR B 220 16.39 -6.21 3.97
CA TYR B 220 15.35 -5.35 4.57
C TYR B 220 15.90 -4.40 5.61
N PHE B 221 16.87 -4.87 6.40
CA PHE B 221 17.59 -4.03 7.36
C PHE B 221 18.47 -3.00 6.67
N ARG B 222 19.17 -3.40 5.60
CA ARG B 222 20.06 -2.49 4.86
C ARG B 222 19.30 -1.32 4.21
N MET B 223 18.13 -1.60 3.64
CA MET B 223 17.32 -0.57 2.99
C MET B 223 16.78 0.43 4.01
N THR B 224 16.23 -0.09 5.12
CA THR B 224 15.68 0.74 6.20
C THR B 224 16.73 1.71 6.75
N ARG B 225 17.91 1.16 7.03
CA ARG B 225 19.10 1.96 7.39
C ARG B 225 19.32 3.11 6.41
N ASP B 226 19.37 2.79 5.11
CA ASP B 226 19.71 3.75 4.05
C ASP B 226 18.68 4.87 3.89
N VAL B 227 17.40 4.50 3.88
CA VAL B 227 16.31 5.47 3.72
C VAL B 227 16.07 6.35 4.96
N ALA B 228 16.24 5.76 6.15
CA ALA B 228 15.95 6.43 7.44
C ALA B 228 16.37 7.90 7.53
N PRO B 229 17.67 8.22 7.28
CA PRO B 229 18.08 9.63 7.34
C PRO B 229 17.45 10.50 6.25
N ARG B 230 17.20 9.92 5.07
CA ARG B 230 16.62 10.67 3.94
C ARG B 230 15.22 11.21 4.23
N ILE B 231 14.53 10.63 5.21
CA ILE B 231 13.24 11.14 5.71
C ILE B 231 13.34 11.66 7.15
N GLY B 232 14.56 12.00 7.57
CA GLY B 232 14.84 12.58 8.87
C GLY B 232 14.44 11.76 10.09
N TYR B 233 14.35 10.45 9.95
CA TYR B 233 14.03 9.57 11.08
C TYR B 233 15.31 8.92 11.59
N PRO B 234 15.35 8.58 12.90
CA PRO B 234 16.47 7.82 13.43
C PRO B 234 16.41 6.37 12.95
N LYS B 235 17.54 5.84 12.48
CA LYS B 235 17.59 4.46 12.01
C LYS B 235 17.47 3.47 13.17
N PRO B 236 16.99 2.24 12.89
CA PRO B 236 16.82 1.29 13.98
C PRO B 236 18.15 0.72 14.47
N ALA B 237 18.27 0.53 15.78
CA ALA B 237 19.45 -0.12 16.36
C ALA B 237 19.39 -1.62 16.09
N LEU B 238 20.55 -2.22 15.90
CA LEU B 238 20.65 -3.62 15.49
C LEU B 238 21.45 -4.35 16.54
N LEU B 239 20.95 -5.50 16.98
CA LEU B 239 21.63 -6.31 17.98
C LEU B 239 22.53 -7.36 17.31
N HIS B 240 23.78 -6.97 17.09
CA HIS B 240 24.77 -7.80 16.40
C HIS B 240 25.15 -9.00 17.28
N SER B 241 25.30 -10.16 16.64
CA SER B 241 25.60 -11.41 17.34
C SER B 241 26.34 -12.35 16.39
N THR B 242 27.05 -13.34 16.93
CA THR B 242 27.63 -14.42 16.12
C THR B 242 26.60 -15.54 15.88
N PHE B 243 25.72 -15.73 16.87
CA PHE B 243 24.75 -16.82 16.86
C PHE B 243 23.78 -16.73 15.68
N PHE B 244 23.16 -15.56 15.50
CA PHE B 244 22.07 -15.45 14.53
C PHE B 244 22.52 -15.51 13.07
N PRO B 245 23.53 -14.70 12.67
CA PRO B 245 24.13 -14.87 11.33
C PRO B 245 24.58 -16.30 10.99
N ALA B 246 25.13 -17.02 11.96
CA ALA B 246 25.54 -18.42 11.76
C ALA B 246 24.35 -19.37 11.66
N LEU B 247 23.28 -19.10 12.42
CA LEU B 247 22.06 -19.91 12.39
C LEU B 247 21.40 -19.83 11.02
N GLN B 248 21.30 -18.61 10.47
CA GLN B 248 20.81 -18.42 9.09
C GLN B 248 21.81 -19.08 8.11
N GLY B 249 23.10 -18.85 8.34
CA GLY B 249 24.17 -19.47 7.55
C GLY B 249 24.34 -20.99 7.70
N ALA B 250 23.66 -21.59 8.68
CA ALA B 250 23.56 -23.05 8.81
C ALA B 250 22.28 -23.58 8.18
N GLN B 251 21.13 -23.01 8.56
CA GLN B 251 19.82 -23.53 8.14
C GLN B 251 19.45 -23.27 6.66
N THR B 252 20.32 -22.56 5.93
CA THR B 252 20.27 -22.52 4.45
C THR B 252 20.34 -23.91 3.80
N LYS B 253 20.99 -24.88 4.47
CA LYS B 253 21.06 -26.26 4.00
C LYS B 253 19.78 -27.01 4.35
N ASP B 258 18.48 -30.91 1.54
CA ASP B 258 17.15 -30.37 1.31
C ASP B 258 16.24 -30.58 2.53
N PRO B 259 15.28 -29.65 2.78
CA PRO B 259 14.35 -29.79 3.90
C PRO B 259 13.03 -30.51 3.54
N ASN B 260 12.84 -31.70 4.11
CA ASN B 260 11.57 -32.45 4.01
C ASN B 260 10.99 -32.83 5.39
N SER B 261 11.82 -33.43 6.24
CA SER B 261 11.45 -33.80 7.61
C SER B 261 12.20 -32.90 8.60
N SER B 262 12.01 -31.59 8.43
CA SER B 262 12.41 -30.59 9.42
C SER B 262 11.44 -30.73 10.61
N ILE B 263 11.96 -30.50 11.82
CA ILE B 263 11.20 -30.80 13.05
C ILE B 263 10.13 -29.74 13.42
N PHE B 264 8.84 -30.13 13.31
CA PHE B 264 7.70 -29.22 13.51
C PHE B 264 7.25 -29.15 14.96
N LEU B 265 6.57 -28.05 15.29
CA LEU B 265 5.98 -27.82 16.63
C LEU B 265 4.69 -28.62 16.87
N THR B 266 4.17 -29.29 15.83
CA THR B 266 3.03 -30.22 15.96
C THR B 266 3.47 -31.66 16.25
N ASP B 267 4.77 -31.95 16.11
CA ASP B 267 5.25 -33.33 16.12
C ASP B 267 5.22 -33.96 17.51
N THR B 268 4.84 -35.23 17.55
CA THR B 268 4.77 -36.01 18.78
C THR B 268 6.16 -36.30 19.31
N ALA B 269 6.25 -36.68 20.59
CA ALA B 269 7.51 -37.05 21.23
C ALA B 269 8.32 -38.07 20.42
N LYS B 270 7.63 -39.05 19.84
CA LYS B 270 8.27 -40.03 18.95
C LYS B 270 8.74 -39.41 17.64
N GLN B 271 7.84 -38.70 16.95
CA GLN B 271 8.18 -37.98 15.71
C GLN B 271 9.40 -37.06 15.86
N ILE B 272 9.59 -36.49 17.04
CA ILE B 272 10.79 -35.72 17.37
C ILE B 272 11.98 -36.68 17.40
N LYS B 273 11.89 -37.71 18.23
CA LYS B 273 12.96 -38.70 18.42
C LYS B 273 13.38 -39.44 17.13
N THR B 274 12.40 -39.73 16.27
CA THR B 274 12.68 -40.34 14.97
C THR B 274 13.49 -39.36 14.14
N LYS B 275 12.93 -38.18 13.91
CA LYS B 275 13.53 -37.15 13.05
C LYS B 275 14.95 -36.73 13.46
N VAL B 276 15.24 -36.73 14.76
CA VAL B 276 16.58 -36.37 15.25
C VAL B 276 17.60 -37.46 14.90
N ASN B 277 17.28 -38.71 15.22
CA ASN B 277 18.19 -39.84 14.98
C ASN B 277 18.49 -40.10 13.50
N LYS B 278 17.46 -40.01 12.65
CA LYS B 278 17.63 -40.21 11.21
C LYS B 278 18.38 -39.09 10.47
N HIS B 279 18.41 -37.88 11.03
CA HIS B 279 18.94 -36.71 10.31
C HIS B 279 20.01 -35.92 11.08
N ALA B 280 19.72 -35.53 12.31
CA ALA B 280 20.60 -34.64 13.08
C ALA B 280 21.93 -35.30 13.44
N PHE B 281 22.99 -34.49 13.41
CA PHE B 281 24.35 -34.89 13.78
C PHE B 281 24.94 -35.98 12.89
N SER B 282 25.39 -35.57 11.70
CA SER B 282 26.01 -36.48 10.73
C SER B 282 26.83 -35.74 9.67
N GLY B 296 31.87 -20.42 1.32
CA GLY B 296 31.82 -20.24 2.76
C GLY B 296 31.48 -21.53 3.49
N ASN B 297 32.28 -21.87 4.50
CA ASN B 297 32.06 -23.07 5.32
C ASN B 297 32.85 -23.03 6.65
N CYS B 298 32.13 -22.71 7.73
CA CYS B 298 32.69 -22.76 9.10
C CYS B 298 32.60 -24.16 9.74
N ASP B 299 31.90 -25.10 9.08
CA ASP B 299 31.48 -26.38 9.67
C ASP B 299 30.57 -26.12 10.87
N VAL B 300 29.34 -25.68 10.58
CA VAL B 300 28.33 -25.30 11.57
C VAL B 300 27.03 -26.07 11.33
N ASP B 301 26.84 -27.15 12.09
CA ASP B 301 25.65 -27.99 11.98
C ASP B 301 24.48 -27.29 12.67
N VAL B 302 23.29 -27.38 12.07
CA VAL B 302 22.09 -26.73 12.61
C VAL B 302 21.64 -27.37 13.92
N SER B 303 21.73 -28.69 13.98
CA SER B 303 21.41 -29.46 15.18
C SER B 303 22.27 -29.05 16.39
N PHE B 304 23.54 -28.73 16.15
CA PHE B 304 24.42 -28.27 17.22
C PHE B 304 23.96 -26.93 17.76
N MET B 305 23.57 -26.03 16.86
CA MET B 305 23.15 -24.68 17.26
C MET B 305 21.83 -24.69 18.02
N TYR B 306 20.96 -25.64 17.66
CA TYR B 306 19.75 -25.89 18.42
C TYR B 306 20.07 -26.27 19.86
N LEU B 307 21.03 -27.18 20.04
CA LEU B 307 21.47 -27.60 21.38
C LEU B 307 21.95 -26.44 22.22
N THR B 308 22.86 -25.63 21.65
CA THR B 308 23.45 -24.51 22.37
C THR B 308 22.39 -23.47 22.77
N PHE B 309 21.40 -23.24 21.91
CA PHE B 309 20.33 -22.30 22.21
C PHE B 309 19.40 -22.83 23.29
N PHE B 310 18.95 -24.07 23.12
CA PHE B 310 17.94 -24.64 24.02
C PHE B 310 18.50 -25.14 25.34
N LEU B 311 19.76 -25.57 25.39
CA LEU B 311 20.35 -26.02 26.67
C LEU B 311 20.42 -24.86 27.65
N GLU B 312 19.84 -25.07 28.84
CA GLU B 312 19.95 -24.14 29.96
C GLU B 312 20.98 -24.61 31.00
N ASP B 313 21.25 -25.92 31.05
CA ASP B 313 22.39 -26.47 31.78
C ASP B 313 23.69 -26.00 31.10
N ASP B 314 24.44 -25.14 31.80
CA ASP B 314 25.66 -24.53 31.25
C ASP B 314 26.77 -25.55 31.00
N ASP B 315 26.98 -26.45 31.96
CA ASP B 315 28.11 -27.39 31.93
C ASP B 315 27.77 -28.76 31.34
N LYS B 316 26.68 -28.87 30.58
CA LYS B 316 26.25 -30.18 30.05
C LYS B 316 26.95 -30.59 28.75
N LEU B 317 27.33 -29.61 27.92
CA LEU B 317 28.06 -29.90 26.67
C LEU B 317 29.47 -30.42 26.93
N GLU B 318 30.20 -29.74 27.82
CA GLU B 318 31.55 -30.16 28.20
C GLU B 318 31.54 -31.45 29.03
N GLN B 319 30.42 -31.72 29.70
CA GLN B 319 30.20 -32.99 30.40
C GLN B 319 30.08 -34.16 29.41
N ILE B 320 29.38 -33.94 28.30
CA ILE B 320 29.31 -34.94 27.22
C ILE B 320 30.70 -35.12 26.58
N ARG B 321 31.37 -34.00 26.30
CA ARG B 321 32.66 -34.02 25.60
C ARG B 321 33.69 -34.88 26.33
N LYS B 322 33.88 -34.60 27.63
CA LYS B 322 34.87 -35.32 28.45
C LYS B 322 34.63 -36.84 28.52
N ASP B 323 33.35 -37.23 28.60
CA ASP B 323 32.98 -38.64 28.69
C ASP B 323 33.05 -39.33 27.32
N TYR B 324 32.23 -38.86 26.39
CA TYR B 324 31.99 -39.58 25.13
C TYR B 324 33.06 -39.28 24.08
N THR B 325 33.40 -40.30 23.30
CA THR B 325 34.46 -40.22 22.30
C THR B 325 33.97 -40.76 20.95
N GLY B 327 34.16 -39.11 17.42
CA GLY B 327 32.79 -39.15 16.91
C GLY B 327 32.12 -40.50 17.13
N ALA B 328 31.02 -40.73 16.43
CA ALA B 328 30.24 -41.98 16.50
C ALA B 328 29.59 -42.25 17.87
N MET B 329 30.40 -42.47 18.90
CA MET B 329 29.91 -42.56 20.29
C MET B 329 29.49 -41.17 20.80
N LEU B 330 30.25 -40.13 20.42
CA LEU B 330 29.94 -38.74 20.81
C LEU B 330 28.57 -38.30 20.31
N THR B 331 28.28 -38.59 19.05
CA THR B 331 27.00 -38.22 18.44
C THR B 331 25.81 -38.82 19.19
N GLY B 332 25.96 -40.06 19.66
CA GLY B 332 24.93 -40.75 20.44
C GLY B 332 24.29 -39.94 21.55
N GLU B 333 25.10 -39.44 22.48
CA GLU B 333 24.61 -38.58 23.57
C GLU B 333 24.27 -37.17 23.09
N LEU B 334 24.86 -36.76 21.96
CA LEU B 334 24.53 -35.48 21.31
C LEU B 334 23.12 -35.47 20.73
N LYS B 335 22.70 -36.62 20.17
CA LYS B 335 21.31 -36.81 19.70
C LYS B 335 20.37 -36.93 20.90
N LYS B 336 20.77 -37.71 21.90
CA LYS B 336 20.00 -37.90 23.14
C LYS B 336 19.80 -36.59 23.92
N ALA B 337 20.78 -35.69 23.85
CA ALA B 337 20.70 -34.39 24.54
C ALA B 337 19.66 -33.46 23.93
N LEU B 338 19.59 -33.45 22.60
CA LEU B 338 18.63 -32.62 21.86
C LEU B 338 17.18 -33.08 22.07
N ILE B 339 16.95 -34.40 22.07
CA ILE B 339 15.63 -34.96 22.43
C ILE B 339 15.16 -34.45 23.79
N GLU B 340 16.03 -34.55 24.80
CA GLU B 340 15.67 -34.19 26.17
C GLU B 340 15.30 -32.72 26.37
N VAL B 341 15.79 -31.84 25.49
CA VAL B 341 15.38 -30.41 25.48
C VAL B 341 14.23 -30.10 24.52
N LEU B 342 14.21 -30.72 23.34
CA LEU B 342 13.13 -30.50 22.37
C LEU B 342 11.80 -31.16 22.74
N GLN B 343 11.83 -32.38 23.29
CA GLN B 343 10.59 -33.07 23.68
C GLN B 343 9.67 -32.27 24.62
N PRO B 344 10.19 -31.83 25.79
CA PRO B 344 9.37 -30.98 26.67
C PRO B 344 9.08 -29.59 26.12
N LEU B 345 9.95 -29.08 25.25
CA LEU B 345 9.77 -27.76 24.65
C LEU B 345 8.58 -27.72 23.68
N ILE B 346 8.47 -28.72 22.81
CA ILE B 346 7.36 -28.77 21.87
C ILE B 346 6.05 -29.15 22.58
N ALA B 347 6.13 -30.10 23.51
CA ALA B 347 4.95 -30.55 24.26
C ALA B 347 4.32 -29.42 25.06
N GLU B 348 5.14 -28.66 25.79
CA GLU B 348 4.67 -27.49 26.53
C GLU B 348 4.07 -26.44 25.60
N HIS B 349 4.74 -26.21 24.47
CA HIS B 349 4.26 -25.28 23.44
C HIS B 349 2.88 -25.65 22.90
N GLN B 350 2.67 -26.93 22.69
CA GLN B 350 1.35 -27.43 22.29
C GLN B 350 0.33 -27.16 23.39
N ALA B 351 0.71 -27.40 24.64
CA ALA B 351 -0.16 -27.11 25.78
C ALA B 351 -0.54 -25.64 25.84
N ARG B 352 0.44 -24.75 25.72
CA ARG B 352 0.22 -23.31 25.81
C ARG B 352 -0.57 -22.79 24.61
N ARG B 353 -0.21 -23.22 23.40
CA ARG B 353 -0.90 -22.77 22.18
C ARG B 353 -2.37 -23.19 22.15
N LYS B 354 -2.69 -24.32 22.78
CA LYS B 354 -4.08 -24.81 22.83
C LYS B 354 -4.98 -23.88 23.66
N GLU B 355 -4.40 -23.14 24.61
CA GLU B 355 -5.14 -22.19 25.43
C GLU B 355 -4.96 -20.73 24.99
N VAL B 356 -4.33 -20.50 23.83
CA VAL B 356 -4.40 -19.20 23.16
C VAL B 356 -5.66 -19.22 22.28
N THR B 357 -6.72 -18.60 22.82
CA THR B 357 -8.01 -18.50 22.14
C THR B 357 -7.94 -17.47 21.03
N ASP B 358 -8.92 -17.52 20.14
CA ASP B 358 -9.06 -16.49 19.10
C ASP B 358 -9.27 -15.12 19.72
N GLU B 359 -9.96 -15.08 20.86
CA GLU B 359 -10.17 -13.82 21.57
C GLU B 359 -8.85 -13.20 22.00
N ILE B 360 -7.97 -14.02 22.58
CA ILE B 360 -6.66 -13.55 23.02
C ILE B 360 -5.84 -13.03 21.83
N VAL B 361 -5.98 -13.68 20.68
CA VAL B 361 -5.29 -13.23 19.48
C VAL B 361 -5.77 -11.83 19.12
N LYS B 362 -7.09 -11.63 19.10
CA LYS B 362 -7.68 -10.31 18.80
C LYS B 362 -7.27 -9.25 19.80
N GLU B 363 -7.25 -9.60 21.09
CA GLU B 363 -6.73 -8.72 22.15
C GLU B 363 -5.30 -8.24 21.85
N PHE B 364 -4.42 -9.17 21.52
CA PHE B 364 -3.03 -8.87 21.14
C PHE B 364 -2.95 -7.98 19.91
N MET B 365 -3.87 -8.19 18.96
CA MET B 365 -3.92 -7.45 17.69
C MET B 365 -4.73 -6.14 17.74
N THR B 366 -5.33 -5.85 18.89
CA THR B 366 -6.01 -4.58 19.12
C THR B 366 -4.97 -3.49 19.30
N PRO B 367 -5.04 -2.40 18.50
CA PRO B 367 -4.17 -1.24 18.75
C PRO B 367 -4.49 -0.58 20.10
N ARG B 368 -3.45 -0.27 20.87
CA ARG B 368 -3.60 0.34 22.19
C ARG B 368 -2.25 0.77 22.72
N LYS B 369 -2.25 1.76 23.61
CA LYS B 369 -1.01 2.42 24.03
C LYS B 369 -0.11 1.52 24.87
N LEU B 370 1.12 1.35 24.41
CA LEU B 370 2.17 0.70 25.19
C LEU B 370 3.00 1.79 25.87
N SER B 371 3.49 1.50 27.08
CA SER B 371 4.20 2.50 27.91
C SER B 371 5.64 2.10 28.22
N PHE B 372 6.44 3.10 28.56
CA PHE B 372 7.86 2.93 28.87
C PHE B 372 8.08 3.07 30.37
N ASP B 373 8.48 1.98 31.02
CA ASP B 373 8.41 1.88 32.48
C ASP B 373 9.71 2.29 33.20
N PHE B 374 10.80 1.59 32.92
CA PHE B 374 12.08 1.71 33.65
C PHE B 374 11.91 1.30 35.13
#